data_7QXE
#
_entry.id   7QXE
#
_cell.length_a   64.033
_cell.length_b   112.915
_cell.length_c   154.993
_cell.angle_alpha   90.000
_cell.angle_beta   90.000
_cell.angle_gamma   90.000
#
_symmetry.space_group_name_H-M   'P 21 21 21'
#
loop_
_entity.id
_entity.type
_entity.pdbx_description
1 polymer 'Antibody Fab 4497 heavy chain'
2 polymer 'Antibody 4497 light chain'
3 non-polymer '[(2~{S},4~{R})-3-[(2~{S},3~{R},4~{R},5~{S},6~{R})-3-acetamido-6-(hydroxymethyl)-4,5-bis(oxidanyl)oxan-2-yl]oxy-2,4-bis(oxidanyl)-5-[oxidanyl-[(2~{S})-2,3,4,5-tetrakis(oxidanyl)pentoxy]phosphoryl]oxy-pentyl] [(2~{R},3~{S})-2,3,4,5-tetrakis(oxidanyl)pentyl] hydrogen phosphate'
4 non-polymer DI(HYDROXYETHYL)ETHER
5 non-polymer 'CHLORIDE ION'
6 non-polymer 'SULFATE ION'
7 non-polymer GLYCEROL
8 water water
#
loop_
_entity_poly.entity_id
_entity_poly.type
_entity_poly.pdbx_seq_one_letter_code
_entity_poly.pdbx_strand_id
1 'polypeptide(L)'
;EVQLVESGGGLVQPGGSLRLSCSASGFSFNSFWMHWVRQVPGKGLVWISFTNNEGTTTAYADSVRGRFIISRDNAKNTLY
LEMNNLRGEDTAVYYCARGDGGLDDWGQGTLVTVSSASTKGPSVFPLAPSSKSTSGGTAALGCLVKDYFPEPVTVSWNSG
ALTSGVHTFPAVLQSSGLYSLSSVVTVPSSSLGTQTYICNVNHKPSNTKVDKKVEPKSCGGGGSLPETGGHHHHHH
;
HHH,KKK
2 'polypeptide(L)'
;DIQLTQSPDSLAVSLGERATINCKSSQSIFRTSRNKNLLNWYQQRPGQPPRLLIHWASTRKSGVPDRFSGSGFGTDFTLT
ITSLQAEDVAIYYCQQYFSPPYTFGQGTKLEIKRTVAAPSVFIFPPSDEQLKSGTASVVCLLNNFYPREAKVQWKVDNAL
QSGNSQESVTEQDSKDSTYSLSSTLTLSKADYEKHKVYACEVTHQGLSSPVTKSFNRGEC
;
LLL,MMM
#
# COMPACT_ATOMS: atom_id res chain seq x y z
N GLU A 1 26.91 22.20 10.25
CA GLU A 1 26.41 20.81 10.35
C GLU A 1 27.08 20.12 11.55
N VAL A 2 26.32 19.41 12.37
CA VAL A 2 26.87 18.30 13.21
C VAL A 2 27.35 17.20 12.27
N GLN A 3 28.61 16.76 12.41
CA GLN A 3 29.21 15.66 11.59
C GLN A 3 29.82 14.63 12.53
N LEU A 4 29.38 13.38 12.43
CA LEU A 4 30.05 12.23 13.08
C LEU A 4 30.60 11.35 11.96
N VAL A 5 31.88 10.96 12.04
CA VAL A 5 32.54 10.12 11.01
C VAL A 5 33.21 8.94 11.73
N GLU A 6 32.66 7.74 11.55
CA GLU A 6 33.24 6.47 12.08
C GLU A 6 34.39 6.03 11.18
N SER A 7 35.44 5.47 11.76
CA SER A 7 36.55 4.84 11.01
C SER A 7 37.12 3.67 11.82
N GLY A 8 37.98 2.86 11.20
CA GLY A 8 38.75 1.81 11.88
C GLY A 8 38.15 0.44 11.63
N GLY A 9 37.08 0.37 10.85
CA GLY A 9 36.43 -0.92 10.53
C GLY A 9 37.15 -1.61 9.38
N GLY A 10 37.06 -2.92 9.34
CA GLY A 10 37.59 -3.75 8.24
C GLY A 10 37.56 -5.20 8.64
N LEU A 11 38.33 -6.03 7.94
CA LEU A 11 38.39 -7.50 8.13
C LEU A 11 39.28 -7.79 9.33
N VAL A 12 38.81 -8.59 10.28
CA VAL A 12 39.62 -8.94 11.48
C VAL A 12 39.38 -10.41 11.80
N GLN A 13 40.42 -11.13 12.22
CA GLN A 13 40.36 -12.58 12.55
C GLN A 13 39.49 -12.74 13.79
N PRO A 14 38.67 -13.82 13.91
CA PRO A 14 38.01 -14.14 15.16
C PRO A 14 39.03 -14.20 16.30
N GLY A 15 38.68 -13.69 17.47
CA GLY A 15 39.58 -13.61 18.65
C GLY A 15 40.43 -12.36 18.60
N GLY A 16 40.47 -11.66 17.48
CA GLY A 16 41.27 -10.43 17.33
C GLY A 16 40.62 -9.22 17.95
N SER A 17 41.29 -8.07 17.81
CA SER A 17 40.94 -6.76 18.42
C SER A 17 40.91 -5.73 17.30
N LEU A 18 40.09 -4.71 17.50
CA LEU A 18 39.96 -3.54 16.58
C LEU A 18 39.64 -2.35 17.45
N ARG A 19 40.00 -1.16 17.02
CA ARG A 19 39.58 0.08 17.70
C ARG A 19 38.85 0.95 16.70
N LEU A 20 37.58 1.23 16.93
CA LEU A 20 36.82 2.16 16.07
C LEU A 20 37.00 3.57 16.65
N SER A 21 37.00 4.55 15.75
CA SER A 21 37.03 6.00 16.09
C SER A 21 35.80 6.67 15.48
N CYS A 22 35.30 7.67 16.19
CA CYS A 22 34.20 8.54 15.71
C CYS A 22 34.63 10.00 15.89
N SER A 23 34.94 10.70 14.81
CA SER A 23 35.38 12.12 14.81
C SER A 23 34.15 13.02 14.75
N ALA A 24 34.00 13.86 15.77
CA ALA A 24 32.84 14.76 15.99
C ALA A 24 33.25 16.20 15.64
N SER A 25 32.40 16.92 14.90
CA SER A 25 32.59 18.36 14.64
C SER A 25 31.23 19.05 14.50
N GLY A 26 31.20 20.37 14.71
CA GLY A 26 30.03 21.24 14.50
C GLY A 26 29.13 21.32 15.71
N PHE A 27 29.62 20.90 16.88
CA PHE A 27 28.92 21.02 18.16
C PHE A 27 29.92 20.89 19.31
N SER A 28 29.45 21.14 20.53
CA SER A 28 30.26 21.08 21.77
C SER A 28 30.30 19.62 22.24
N PHE A 29 31.29 18.87 21.76
CA PHE A 29 31.43 17.40 21.95
C PHE A 29 31.22 17.03 23.43
N ASN A 30 31.84 17.76 24.35
CA ASN A 30 31.86 17.38 25.80
C ASN A 30 30.49 17.65 26.47
N SER A 31 29.50 18.19 25.75
CA SER A 31 28.16 18.53 26.30
C SER A 31 27.13 17.39 26.14
N PHE A 32 27.47 16.29 25.46
CA PHE A 32 26.47 15.26 25.08
C PHE A 32 26.99 13.85 25.33
N TRP A 33 26.08 12.99 25.78
CA TRP A 33 26.25 11.52 25.75
C TRP A 33 26.59 11.12 24.31
N MET A 34 27.33 10.03 24.17
CA MET A 34 27.63 9.45 22.84
C MET A 34 27.37 7.95 22.91
N HIS A 35 26.93 7.39 21.79
CA HIS A 35 26.44 6.00 21.68
C HIS A 35 27.15 5.29 20.53
N TRP A 36 27.34 3.98 20.69
CA TRP A 36 27.62 3.03 19.60
C TRP A 36 26.40 2.13 19.43
N VAL A 37 26.02 1.95 18.19
CA VAL A 37 24.92 1.05 17.75
C VAL A 37 25.47 0.27 16.56
N ARG A 38 25.09 -0.99 16.43
CA ARG A 38 25.54 -1.76 15.26
C ARG A 38 24.33 -2.34 14.53
N GLN A 39 24.57 -2.73 13.30
CA GLN A 39 23.55 -3.38 12.45
C GLN A 39 24.22 -4.41 11.54
N VAL A 40 23.88 -5.67 11.73
CA VAL A 40 24.23 -6.73 10.74
C VAL A 40 23.52 -6.35 9.45
N PRO A 41 24.20 -6.34 8.28
CA PRO A 41 23.54 -5.97 7.02
C PRO A 41 22.24 -6.80 6.82
N GLY A 42 21.17 -6.11 6.42
CA GLY A 42 19.80 -6.62 6.29
C GLY A 42 19.10 -6.91 7.63
N LYS A 43 19.69 -6.57 8.78
CA LYS A 43 19.06 -6.86 10.11
C LYS A 43 18.76 -5.55 10.84
N GLY A 44 18.39 -5.64 12.10
CA GLY A 44 17.93 -4.49 12.90
C GLY A 44 19.05 -3.77 13.64
N LEU A 45 18.72 -2.62 14.21
CA LEU A 45 19.63 -1.82 15.06
C LEU A 45 19.78 -2.52 16.41
N VAL A 46 21.02 -2.68 16.87
CA VAL A 46 21.36 -3.27 18.20
C VAL A 46 22.24 -2.25 18.92
N TRP A 47 21.73 -1.72 20.02
CA TRP A 47 22.46 -0.78 20.90
C TRP A 47 23.64 -1.55 21.52
N ILE A 48 24.82 -0.94 21.53
CA ILE A 48 26.09 -1.59 21.94
C ILE A 48 26.65 -0.92 23.21
N SER A 49 26.73 0.41 23.25
CA SER A 49 27.39 1.11 24.36
C SER A 49 27.05 2.59 24.36
N PHE A 50 27.22 3.24 25.50
CA PHE A 50 27.25 4.72 25.58
C PHE A 50 28.21 5.15 26.68
N THR A 51 28.50 6.45 26.64
CA THR A 51 29.25 7.16 27.69
C THR A 51 28.54 8.50 27.93
N ASN A 52 28.53 8.94 29.20
CA ASN A 52 28.09 10.30 29.60
C ASN A 52 29.14 11.31 29.15
N ASN A 53 28.91 12.58 29.46
CA ASN A 53 29.65 13.72 28.87
C ASN A 53 31.17 13.56 29.12
N GLU A 54 31.55 13.11 30.31
CA GLU A 54 32.94 13.14 30.81
C GLU A 54 33.54 11.72 30.80
N GLY A 55 32.74 10.70 30.49
CA GLY A 55 33.21 9.30 30.43
C GLY A 55 33.22 8.63 31.79
N THR A 56 32.53 9.22 32.78
CA THR A 56 32.49 8.67 34.17
C THR A 56 31.40 7.61 34.30
N THR A 57 30.43 7.58 33.37
CA THR A 57 29.37 6.53 33.30
C THR A 57 29.39 5.92 31.89
N THR A 58 29.37 4.60 31.82
CA THR A 58 29.39 3.82 30.57
C THR A 58 28.47 2.63 30.78
N ALA A 59 27.91 2.09 29.71
CA ALA A 59 27.22 0.79 29.75
C ALA A 59 27.40 0.08 28.41
N TYR A 60 27.03 -1.18 28.36
CA TYR A 60 27.34 -2.13 27.27
C TYR A 60 26.16 -3.08 27.11
N ALA A 61 25.84 -3.49 25.88
CA ALA A 61 24.92 -4.63 25.63
C ALA A 61 25.49 -5.88 26.31
N ASP A 62 24.61 -6.77 26.79
CA ASP A 62 25.00 -8.08 27.40
C ASP A 62 26.02 -8.80 26.53
N SER A 63 25.81 -8.86 25.20
CA SER A 63 26.60 -9.73 24.30
C SER A 63 28.03 -9.19 24.13
N VAL A 64 28.34 -7.96 24.57
CA VAL A 64 29.71 -7.37 24.39
C VAL A 64 30.35 -6.99 25.72
N ARG A 65 29.62 -7.09 26.85
CA ARG A 65 30.14 -6.62 28.17
C ARG A 65 31.39 -7.46 28.49
N GLY A 66 32.48 -6.78 28.87
CA GLY A 66 33.74 -7.45 29.25
C GLY A 66 34.68 -7.60 28.07
N ARG A 67 34.18 -7.48 26.82
CA ARG A 67 34.99 -7.56 25.59
C ARG A 67 35.21 -6.17 24.97
N PHE A 68 34.25 -5.25 25.08
CA PHE A 68 34.34 -3.93 24.44
C PHE A 68 34.60 -2.87 25.49
N ILE A 69 35.26 -1.79 25.10
CA ILE A 69 35.50 -0.62 25.99
C ILE A 69 35.20 0.64 25.19
N ILE A 70 34.22 1.42 25.65
CA ILE A 70 33.94 2.78 25.10
C ILE A 70 34.84 3.77 25.83
N SER A 71 35.28 4.81 25.15
CA SER A 71 36.02 5.93 25.78
C SER A 71 35.86 7.13 24.88
N ARG A 72 36.20 8.30 25.40
CA ARG A 72 36.13 9.55 24.62
C ARG A 72 37.32 10.42 25.01
N ASP A 73 37.75 11.25 24.08
CA ASP A 73 38.80 12.28 24.26
C ASP A 73 38.16 13.62 23.91
N ASN A 74 37.69 14.33 24.95
CA ASN A 74 36.90 15.57 24.79
C ASN A 74 37.80 16.65 24.17
N ALA A 75 39.11 16.62 24.46
CA ALA A 75 40.09 17.57 23.89
C ALA A 75 40.19 17.37 22.38
N LYS A 76 40.06 16.14 21.89
CA LYS A 76 40.24 15.81 20.44
C LYS A 76 38.89 15.56 19.74
N ASN A 77 37.75 15.69 20.44
CA ASN A 77 36.41 15.53 19.81
C ASN A 77 36.29 14.14 19.16
N THR A 78 36.69 13.10 19.88
CA THR A 78 36.75 11.71 19.36
C THR A 78 36.15 10.77 20.40
N LEU A 79 35.26 9.89 19.92
CA LEU A 79 34.73 8.72 20.65
C LEU A 79 35.45 7.47 20.11
N TYR A 80 35.68 6.49 20.97
CA TYR A 80 36.38 5.22 20.62
C TYR A 80 35.52 4.05 21.08
N LEU A 81 35.64 2.94 20.36
CA LEU A 81 35.20 1.61 20.82
C LEU A 81 36.34 0.62 20.59
N GLU A 82 36.93 0.16 21.68
CA GLU A 82 37.93 -0.92 21.67
C GLU A 82 37.13 -2.22 21.71
N MET A 83 37.37 -3.09 20.74
CA MET A 83 36.63 -4.37 20.59
C MET A 83 37.65 -5.51 20.68
N ASN A 84 37.51 -6.37 21.67
CA ASN A 84 38.46 -7.49 21.94
C ASN A 84 37.72 -8.81 21.79
N ASN A 85 38.48 -9.87 21.53
CA ASN A 85 37.96 -11.25 21.44
C ASN A 85 36.75 -11.28 20.50
N LEU A 86 36.91 -10.72 19.31
CA LEU A 86 35.81 -10.56 18.32
C LEU A 86 35.31 -11.94 17.88
N ARG A 87 34.00 -12.05 17.62
CA ARG A 87 33.35 -13.27 17.10
C ARG A 87 32.54 -12.90 15.86
N GLY A 88 32.13 -13.91 15.09
CA GLY A 88 31.28 -13.82 13.90
C GLY A 88 30.06 -12.93 14.13
N GLU A 89 29.47 -13.04 15.32
CA GLU A 89 28.24 -12.31 15.72
C GLU A 89 28.54 -10.82 15.90
N ASP A 90 29.80 -10.41 15.92
CA ASP A 90 30.17 -8.97 16.01
C ASP A 90 30.27 -8.33 14.62
N THR A 91 30.22 -9.13 13.56
CA THR A 91 30.21 -8.64 12.15
C THR A 91 28.99 -7.73 11.99
N ALA A 92 29.20 -6.46 11.68
CA ALA A 92 28.12 -5.47 11.59
C ALA A 92 28.67 -4.14 11.09
N VAL A 93 27.77 -3.27 10.62
CA VAL A 93 28.05 -1.81 10.51
C VAL A 93 27.96 -1.20 11.91
N TYR A 94 28.99 -0.50 12.34
CA TYR A 94 29.03 0.19 13.65
C TYR A 94 28.83 1.68 13.40
N TYR A 95 27.78 2.21 14.02
CA TYR A 95 27.39 3.65 14.02
C TYR A 95 27.75 4.31 15.35
N CYS A 96 28.23 5.55 15.31
CA CYS A 96 28.19 6.44 16.50
C CYS A 96 27.04 7.42 16.30
N ALA A 97 26.44 7.83 17.41
CA ALA A 97 25.30 8.76 17.43
C ALA A 97 25.45 9.65 18.67
N ARG A 98 25.06 10.91 18.51
CA ARG A 98 25.02 11.89 19.62
C ARG A 98 23.71 11.73 20.38
N GLY A 99 23.78 11.56 21.69
CA GLY A 99 22.61 11.64 22.59
C GLY A 99 22.15 13.07 22.77
N ASP A 100 20.95 13.43 22.29
CA ASP A 100 20.23 14.61 22.83
C ASP A 100 18.90 14.15 23.45
N GLY A 101 17.76 14.40 22.80
CA GLY A 101 16.46 13.82 23.22
C GLY A 101 16.42 12.33 22.90
N GLY A 102 16.86 11.99 21.69
CA GLY A 102 17.18 10.61 21.29
C GLY A 102 18.55 10.58 20.62
N LEU A 103 18.88 9.49 19.97
CA LEU A 103 20.18 9.36 19.26
C LEU A 103 20.08 10.14 17.95
N ASP A 104 20.98 11.08 17.73
CA ASP A 104 20.88 12.04 16.59
C ASP A 104 22.19 12.07 15.79
N ASP A 105 22.14 12.60 14.57
CA ASP A 105 23.33 12.95 13.76
C ASP A 105 24.20 11.71 13.55
N TRP A 106 23.56 10.56 13.36
CA TRP A 106 24.24 9.27 13.11
C TRP A 106 25.27 9.42 11.98
N GLY A 107 26.46 8.84 12.11
CA GLY A 107 27.43 8.79 11.00
C GLY A 107 27.01 7.80 9.93
N GLN A 108 27.80 7.67 8.85
CA GLN A 108 27.56 6.71 7.74
C GLN A 108 27.82 5.28 8.22
N GLY A 109 28.60 5.11 9.29
CA GLY A 109 28.90 3.78 9.87
C GLY A 109 30.17 3.20 9.27
N THR A 110 30.79 2.26 9.96
CA THR A 110 32.00 1.56 9.50
C THR A 110 31.75 0.05 9.63
N LEU A 111 32.02 -0.71 8.58
CA LEU A 111 31.74 -2.18 8.55
C LEU A 111 32.89 -2.92 9.24
N VAL A 112 32.55 -3.77 10.21
CA VAL A 112 33.52 -4.71 10.85
C VAL A 112 33.15 -6.10 10.36
N THR A 113 34.08 -6.82 9.74
CA THR A 113 33.87 -8.21 9.29
C THR A 113 34.83 -9.11 10.10
N VAL A 114 34.26 -9.99 10.92
CA VAL A 114 35.04 -10.94 11.76
C VAL A 114 35.03 -12.29 11.04
N SER A 115 36.15 -12.63 10.42
CA SER A 115 36.29 -13.80 9.53
C SER A 115 37.75 -14.19 9.45
N SER A 116 38.01 -15.48 9.28
CA SER A 116 39.36 -16.03 9.03
C SER A 116 39.60 -16.09 7.52
N ALA A 117 38.59 -15.76 6.69
CA ALA A 117 38.69 -15.89 5.22
C ALA A 117 39.63 -14.80 4.68
N SER A 118 40.31 -15.09 3.57
CA SER A 118 41.33 -14.22 2.93
C SER A 118 40.66 -13.09 2.14
N THR A 119 41.25 -11.90 2.17
CA THR A 119 40.87 -10.81 1.26
CA THR A 119 40.88 -10.81 1.25
C THR A 119 41.06 -11.29 -0.19
N LYS A 120 40.10 -10.98 -1.04
CA LYS A 120 40.19 -11.27 -2.48
C LYS A 120 39.54 -10.11 -3.23
N GLY A 121 40.27 -9.56 -4.20
CA GLY A 121 39.74 -8.46 -5.03
C GLY A 121 38.83 -8.96 -6.12
N PRO A 122 37.84 -8.18 -6.55
CA PRO A 122 36.92 -8.60 -7.60
C PRO A 122 37.51 -8.56 -9.01
N SER A 123 36.95 -9.37 -9.90
CA SER A 123 37.02 -9.20 -11.37
C SER A 123 35.85 -8.32 -11.79
N VAL A 124 36.07 -7.35 -12.68
CA VAL A 124 34.99 -6.45 -13.16
C VAL A 124 34.79 -6.73 -14.65
N PHE A 125 33.57 -7.07 -15.04
CA PHE A 125 33.20 -7.39 -16.43
C PHE A 125 32.08 -6.46 -16.88
N PRO A 126 32.08 -6.04 -18.16
CA PRO A 126 31.03 -5.18 -18.67
C PRO A 126 29.74 -5.95 -18.93
N LEU A 127 28.61 -5.29 -18.69
CA LEU A 127 27.27 -5.70 -19.14
C LEU A 127 26.89 -4.72 -20.27
N ALA A 128 27.20 -5.11 -21.51
CA ALA A 128 27.27 -4.20 -22.67
C ALA A 128 25.85 -3.96 -23.21
N PRO A 129 25.47 -2.71 -23.56
CA PRO A 129 24.19 -2.48 -24.25
C PRO A 129 24.27 -3.13 -25.65
N SER A 130 23.18 -3.70 -26.15
CA SER A 130 23.17 -4.36 -27.48
C SER A 130 21.96 -3.87 -28.29
N SER A 131 22.01 -4.09 -29.61
CA SER A 131 20.94 -3.80 -30.60
C SER A 131 19.62 -4.46 -30.14
N LYS A 132 18.96 -3.81 -29.17
CA LYS A 132 17.82 -4.25 -28.34
C LYS A 132 18.02 -5.71 -27.91
N SER A 135 14.61 -1.36 -25.19
CA SER A 135 13.32 -0.86 -24.62
C SER A 135 13.00 0.54 -25.18
N GLY A 136 12.66 0.60 -26.48
CA GLY A 136 12.33 1.84 -27.23
C GLY A 136 13.45 2.87 -27.16
N GLY A 137 13.26 3.91 -26.34
CA GLY A 137 14.23 5.00 -26.16
C GLY A 137 15.15 4.80 -24.97
N THR A 138 15.14 3.65 -24.28
CA THR A 138 15.92 3.42 -23.03
C THR A 138 16.87 2.23 -23.21
N ALA A 139 18.14 2.40 -22.88
CA ALA A 139 19.14 1.32 -22.95
C ALA A 139 19.64 1.05 -21.54
N ALA A 140 19.99 -0.20 -21.25
CA ALA A 140 20.58 -0.62 -19.97
C ALA A 140 22.01 -1.07 -20.24
N LEU A 141 22.90 -0.72 -19.32
CA LEU A 141 24.28 -1.22 -19.33
C LEU A 141 24.72 -1.37 -17.88
N GLY A 142 25.86 -2.02 -17.66
CA GLY A 142 26.29 -2.26 -16.28
C GLY A 142 27.67 -2.86 -16.19
N CYS A 143 28.04 -3.18 -14.96
CA CYS A 143 29.29 -3.86 -14.55
C CYS A 143 28.93 -4.99 -13.59
N LEU A 144 29.45 -6.18 -13.87
CA LEU A 144 29.46 -7.37 -13.00
C LEU A 144 30.75 -7.36 -12.19
N VAL A 145 30.60 -7.24 -10.88
CA VAL A 145 31.72 -7.19 -9.91
C VAL A 145 31.73 -8.55 -9.20
N LYS A 146 32.60 -9.44 -9.62
CA LYS A 146 32.49 -10.89 -9.29
C LYS A 146 33.69 -11.35 -8.46
N ASP A 147 33.39 -12.15 -7.43
CA ASP A 147 34.36 -13.03 -6.72
C ASP A 147 35.26 -12.19 -5.82
N TYR A 148 34.67 -11.51 -4.85
CA TYR A 148 35.44 -10.70 -3.88
C TYR A 148 35.07 -11.11 -2.45
N PHE A 149 35.96 -10.78 -1.53
CA PHE A 149 35.73 -10.91 -0.07
C PHE A 149 36.69 -9.96 0.63
N PRO A 150 36.30 -9.29 1.73
CA PRO A 150 34.92 -9.21 2.22
C PRO A 150 34.13 -8.10 1.51
N GLU A 151 32.92 -7.83 1.99
CA GLU A 151 32.21 -6.57 1.67
C GLU A 151 33.01 -5.43 2.30
N PRO A 152 32.86 -4.16 1.85
CA PRO A 152 32.00 -3.79 0.73
C PRO A 152 32.79 -3.43 -0.54
N VAL A 153 32.09 -3.36 -1.66
CA VAL A 153 32.58 -2.68 -2.89
C VAL A 153 31.71 -1.45 -3.07
N THR A 154 32.27 -0.38 -3.60
CA THR A 154 31.49 0.80 -4.02
C THR A 154 31.59 0.88 -5.53
N VAL A 155 30.49 1.30 -6.15
CA VAL A 155 30.42 1.47 -7.61
C VAL A 155 29.86 2.87 -7.84
N SER A 156 30.56 3.66 -8.61
CA SER A 156 30.04 4.93 -9.16
C SER A 156 30.10 4.81 -10.68
N TRP A 157 29.45 5.75 -11.37
CA TRP A 157 29.45 5.79 -12.85
C TRP A 157 29.98 7.15 -13.30
N ASN A 158 30.88 7.16 -14.28
CA ASN A 158 31.50 8.40 -14.81
C ASN A 158 31.94 9.27 -13.65
N SER A 159 32.63 8.68 -12.68
CA SER A 159 33.25 9.32 -11.49
C SER A 159 32.21 10.10 -10.68
N GLY A 160 30.96 9.62 -10.63
CA GLY A 160 29.92 10.24 -9.79
C GLY A 160 29.05 11.24 -10.55
N ALA A 161 29.37 11.54 -11.81
CA ALA A 161 28.57 12.46 -12.66
C ALA A 161 27.27 11.78 -13.12
N LEU A 162 27.23 10.44 -13.22
CA LEU A 162 26.00 9.69 -13.59
C LEU A 162 25.41 9.01 -12.34
N THR A 163 24.25 9.46 -11.89
CA THR A 163 23.57 8.94 -10.67
C THR A 163 22.12 8.53 -10.98
N SER A 164 21.43 9.24 -11.87
CA SER A 164 20.05 8.92 -12.30
C SER A 164 20.02 7.56 -12.97
N GLY A 165 19.06 6.73 -12.56
CA GLY A 165 18.81 5.42 -13.17
C GLY A 165 19.83 4.37 -12.76
N VAL A 166 20.72 4.66 -11.79
CA VAL A 166 21.73 3.67 -11.30
C VAL A 166 21.04 2.74 -10.29
N HIS A 167 21.18 1.43 -10.47
CA HIS A 167 20.84 0.41 -9.46
C HIS A 167 22.09 -0.42 -9.19
N THR A 168 22.66 -0.28 -8.01
CA THR A 168 23.72 -1.21 -7.52
C THR A 168 23.04 -2.24 -6.64
N PHE A 169 22.98 -3.49 -7.09
CA PHE A 169 22.28 -4.57 -6.39
C PHE A 169 23.05 -4.97 -5.14
N PRO A 170 22.33 -5.42 -4.09
CA PRO A 170 22.96 -6.09 -2.96
C PRO A 170 23.83 -7.22 -3.51
N ALA A 171 24.96 -7.41 -2.87
CA ALA A 171 25.89 -8.53 -3.10
C ALA A 171 25.19 -9.83 -2.73
N VAL A 172 25.42 -10.90 -3.50
CA VAL A 172 25.02 -12.28 -3.11
C VAL A 172 26.30 -13.03 -2.79
N LEU A 173 26.23 -13.87 -1.77
CA LEU A 173 27.29 -14.81 -1.40
C LEU A 173 27.12 -16.03 -2.30
N GLN A 174 28.16 -16.39 -3.06
CA GLN A 174 28.14 -17.54 -3.98
C GLN A 174 28.48 -18.82 -3.20
N SER A 175 28.32 -20.00 -3.83
CA SER A 175 28.63 -21.32 -3.21
C SER A 175 30.09 -21.34 -2.75
N SER A 176 30.95 -20.58 -3.44
CA SER A 176 32.40 -20.47 -3.14
C SER A 176 32.62 -19.73 -1.82
N GLY A 177 31.66 -18.94 -1.33
CA GLY A 177 31.84 -18.04 -0.19
C GLY A 177 32.44 -16.69 -0.58
N LEU A 178 32.53 -16.42 -1.89
CA LEU A 178 32.87 -15.08 -2.43
C LEU A 178 31.58 -14.36 -2.84
N TYR A 179 31.58 -13.05 -2.69
CA TYR A 179 30.46 -12.16 -3.07
C TYR A 179 30.53 -11.85 -4.56
N SER A 180 29.36 -11.49 -5.10
CA SER A 180 29.19 -11.00 -6.47
C SER A 180 28.07 -9.96 -6.46
N LEU A 181 28.22 -8.90 -7.24
CA LEU A 181 27.10 -7.97 -7.50
C LEU A 181 27.20 -7.37 -8.89
N SER A 182 26.08 -6.81 -9.35
CA SER A 182 26.01 -6.01 -10.59
C SER A 182 25.58 -4.61 -10.21
N SER A 183 26.13 -3.63 -10.90
CA SER A 183 25.63 -2.23 -10.93
C SER A 183 25.15 -1.98 -12.36
N VAL A 184 23.91 -1.54 -12.51
CA VAL A 184 23.33 -1.29 -13.86
C VAL A 184 22.87 0.17 -13.89
N VAL A 185 22.72 0.70 -15.08
CA VAL A 185 22.14 2.06 -15.24
C VAL A 185 21.33 2.04 -16.51
N THR A 186 20.17 2.69 -16.51
CA THR A 186 19.39 2.94 -17.74
C THR A 186 19.68 4.36 -18.18
N VAL A 187 19.90 4.53 -19.48
CA VAL A 187 20.26 5.82 -20.12
C VAL A 187 19.43 5.94 -21.40
N PRO A 188 19.32 7.13 -22.00
CA PRO A 188 18.69 7.25 -23.31
C PRO A 188 19.49 6.46 -24.35
N SER A 189 18.81 5.62 -25.14
CA SER A 189 19.38 4.93 -26.33
C SER A 189 20.12 5.96 -27.19
N SER A 190 19.58 7.19 -27.26
CA SER A 190 20.11 8.30 -28.09
C SER A 190 21.54 8.68 -27.69
N SER A 191 21.99 8.37 -26.46
CA SER A 191 23.32 8.74 -25.92
C SER A 191 24.38 7.68 -26.28
N LEU A 192 23.98 6.48 -26.68
CA LEU A 192 24.90 5.31 -26.73
C LEU A 192 26.05 5.57 -27.71
N GLY A 193 25.79 6.30 -28.78
CA GLY A 193 26.78 6.54 -29.85
C GLY A 193 27.86 7.51 -29.45
N THR A 194 27.58 8.44 -28.53
CA THR A 194 28.47 9.59 -28.20
C THR A 194 28.90 9.60 -26.73
N GLN A 195 28.07 9.11 -25.80
CA GLN A 195 28.36 9.23 -24.35
C GLN A 195 29.19 8.01 -23.90
N THR A 196 30.31 8.27 -23.23
CA THR A 196 31.18 7.27 -22.57
C THR A 196 30.57 6.88 -21.22
N TYR A 197 30.51 5.57 -20.95
CA TYR A 197 29.98 4.99 -19.70
C TYR A 197 31.10 4.17 -19.05
N ILE A 198 31.54 4.59 -17.87
CA ILE A 198 32.64 3.93 -17.11
C ILE A 198 32.14 3.67 -15.69
N CYS A 199 32.20 2.43 -15.25
CA CYS A 199 31.90 2.11 -13.84
C CYS A 199 33.21 2.11 -13.07
N ASN A 200 33.21 2.81 -11.96
CA ASN A 200 34.37 3.02 -11.05
C ASN A 200 34.11 2.10 -9.87
N VAL A 201 34.83 1.00 -9.82
CA VAL A 201 34.67 -0.03 -8.76
C VAL A 201 35.83 0.13 -7.79
N ASN A 202 35.52 0.16 -6.50
CA ASN A 202 36.54 0.24 -5.43
C ASN A 202 36.23 -0.85 -4.40
N HIS A 203 37.17 -1.78 -4.23
CA HIS A 203 37.17 -2.77 -3.14
C HIS A 203 38.36 -2.42 -2.23
N LYS A 204 38.14 -1.53 -1.27
CA LYS A 204 39.23 -1.00 -0.41
C LYS A 204 39.90 -2.13 0.36
N PRO A 205 39.18 -3.15 0.89
CA PRO A 205 39.85 -4.19 1.67
C PRO A 205 41.00 -4.87 0.90
N SER A 206 40.97 -4.92 -0.44
CA SER A 206 41.98 -5.62 -1.28
C SER A 206 42.78 -4.62 -2.10
N ASN A 207 42.56 -3.32 -1.88
CA ASN A 207 43.25 -2.23 -2.62
C ASN A 207 43.02 -2.41 -4.13
N THR A 208 41.79 -2.77 -4.52
CA THR A 208 41.43 -3.03 -5.92
C THR A 208 40.54 -1.91 -6.41
N LYS A 209 41.06 -1.07 -7.29
CA LYS A 209 40.30 0.01 -7.96
C LYS A 209 40.32 -0.33 -9.45
N VAL A 210 39.14 -0.35 -10.08
CA VAL A 210 38.98 -0.66 -11.51
C VAL A 210 38.04 0.39 -12.12
N ASP A 211 38.46 0.97 -13.23
CA ASP A 211 37.60 1.83 -14.08
C ASP A 211 37.32 1.02 -15.35
N LYS A 212 36.08 0.57 -15.53
CA LYS A 212 35.70 -0.29 -16.67
C LYS A 212 34.79 0.51 -17.60
N LYS A 213 35.29 0.78 -18.80
CA LYS A 213 34.51 1.40 -19.89
C LYS A 213 33.57 0.32 -20.43
N VAL A 214 32.30 0.65 -20.53
CA VAL A 214 31.27 -0.29 -21.03
C VAL A 214 30.80 0.24 -22.38
N GLU A 215 31.10 -0.50 -23.45
CA GLU A 215 30.92 -0.02 -24.84
C GLU A 215 29.77 -0.82 -25.44
N PRO A 216 28.90 -0.17 -26.24
CA PRO A 216 27.83 -0.86 -26.94
C PRO A 216 28.44 -1.94 -27.82
N LYS A 217 27.80 -3.12 -27.88
CA LYS A 217 28.21 -4.28 -28.71
C LYS A 217 26.97 -4.89 -29.38
N ASP B 1 17.08 -6.39 31.24
CA ASP B 1 16.96 -5.68 29.95
C ASP B 1 15.49 -5.43 29.66
N ILE B 2 15.17 -4.22 29.19
CA ILE B 2 13.82 -3.89 28.69
C ILE B 2 13.73 -4.39 27.24
N GLN B 3 12.72 -5.19 26.95
CA GLN B 3 12.43 -5.72 25.60
C GLN B 3 11.32 -4.86 24.96
N LEU B 4 11.58 -4.34 23.76
CA LEU B 4 10.59 -3.60 22.93
C LEU B 4 10.15 -4.52 21.80
N THR B 5 8.84 -4.70 21.64
CA THR B 5 8.26 -5.52 20.55
C THR B 5 7.44 -4.59 19.67
N GLN B 6 7.79 -4.53 18.39
CA GLN B 6 7.06 -3.73 17.40
C GLN B 6 6.03 -4.63 16.71
N SER B 7 4.94 -4.06 16.25
CA SER B 7 3.97 -4.76 15.38
C SER B 7 3.41 -3.72 14.45
N PRO B 8 3.20 -4.08 13.16
CA PRO B 8 3.55 -5.39 12.62
C PRO B 8 5.04 -5.42 12.25
N ASP B 9 5.54 -6.56 11.79
CA ASP B 9 6.93 -6.69 11.26
C ASP B 9 7.00 -6.05 9.89
N SER B 10 5.93 -6.19 9.11
CA SER B 10 5.83 -5.67 7.72
C SER B 10 4.50 -4.92 7.59
N LEU B 11 4.53 -3.81 6.89
CA LEU B 11 3.35 -2.97 6.70
C LEU B 11 3.40 -2.42 5.28
N ALA B 12 2.35 -2.62 4.49
CA ALA B 12 2.21 -2.04 3.14
C ALA B 12 1.04 -1.07 3.18
N VAL B 13 1.28 0.19 2.84
CA VAL B 13 0.29 1.30 2.92
C VAL B 13 0.41 2.09 1.62
N SER B 14 -0.70 2.52 1.05
CA SER B 14 -0.76 3.26 -0.23
C SER B 14 -0.36 4.72 0.01
N LEU B 15 0.15 5.37 -1.04
CA LEU B 15 0.44 6.83 -1.06
C LEU B 15 -0.80 7.60 -0.59
N GLY B 16 -0.62 8.57 0.30
CA GLY B 16 -1.70 9.44 0.82
C GLY B 16 -2.46 8.82 1.98
N GLU B 17 -2.25 7.53 2.28
CA GLU B 17 -2.98 6.80 3.35
C GLU B 17 -2.17 6.84 4.65
N ARG B 18 -2.72 6.23 5.69
CA ARG B 18 -2.22 6.34 7.08
C ARG B 18 -1.59 5.02 7.52
N ALA B 19 -0.39 5.09 8.10
CA ALA B 19 0.33 3.92 8.66
C ALA B 19 0.29 3.99 10.18
N THR B 20 0.02 2.86 10.83
CA THR B 20 0.01 2.73 12.29
C THR B 20 1.03 1.66 12.69
N ILE B 21 2.03 2.03 13.48
CA ILE B 21 3.10 1.10 13.92
C ILE B 21 3.13 1.14 15.44
N ASN B 22 3.02 -0.02 16.08
CA ASN B 22 2.97 -0.09 17.56
C ASN B 22 4.32 -0.55 18.11
N CYS B 23 4.61 -0.13 19.34
CA CYS B 23 5.79 -0.55 20.14
C CYS B 23 5.33 -0.83 21.56
N LYS B 24 5.52 -2.07 22.01
CA LYS B 24 5.18 -2.55 23.37
C LYS B 24 6.49 -2.72 24.15
N SER B 25 6.68 -2.00 25.25
CA SER B 25 7.84 -2.21 26.17
C SER B 25 7.45 -3.20 27.26
N SER B 26 8.39 -4.09 27.63
CA SER B 26 8.18 -5.16 28.64
C SER B 26 8.02 -4.54 30.02
N GLN B 27 8.41 -3.28 30.20
CA GLN B 27 8.17 -2.56 31.48
C GLN B 27 7.95 -1.08 31.17
N SER B 28 7.41 -0.35 32.16
CA SER B 28 7.14 1.11 32.01
C SER B 28 8.46 1.82 31.70
N ILE B 29 8.40 2.83 30.83
CA ILE B 29 9.58 3.68 30.52
C ILE B 29 9.22 5.14 30.77
N PHE B 30 8.24 5.36 31.65
CA PHE B 30 7.87 6.71 32.17
C PHE B 30 8.82 7.05 33.33
N ARG B 31 9.64 8.07 33.14
CA ARG B 31 10.53 8.64 34.19
C ARG B 31 9.76 9.75 34.91
N THR B 32 9.29 9.47 36.13
CA THR B 32 8.45 10.40 36.93
C THR B 32 9.19 11.73 37.10
N SER B 33 10.46 11.70 37.53
CA SER B 33 11.26 12.91 37.86
C SER B 33 11.28 13.84 36.64
N ARG B 34 11.21 13.20 35.26
CA ARG B 34 11.32 14.10 34.09
C ARG B 34 9.94 14.30 33.46
N ASN B 35 8.95 13.55 33.93
CA ASN B 35 7.56 13.62 33.43
C ASN B 35 7.57 13.32 31.92
N LYS B 36 8.31 12.28 31.50
CA LYS B 36 8.50 11.91 30.07
C LYS B 36 8.49 10.39 29.95
N ASN B 37 7.82 9.89 28.91
CA ASN B 37 8.02 8.51 28.38
C ASN B 37 9.23 8.56 27.46
N LEU B 38 10.30 7.85 27.81
CA LEU B 38 11.60 8.00 27.11
C LEU B 38 11.63 6.97 25.98
N LEU B 39 10.78 7.22 24.99
CA LEU B 39 10.74 6.41 23.75
C LEU B 39 11.14 7.27 22.55
N ASN B 40 12.00 6.70 21.71
CA ASN B 40 12.47 7.32 20.44
C ASN B 40 11.92 6.49 19.29
N TRP B 41 11.64 7.16 18.17
CA TRP B 41 11.28 6.57 16.88
C TRP B 41 12.32 7.03 15.86
N TYR B 42 12.76 6.07 15.05
CA TYR B 42 13.72 6.30 13.95
C TYR B 42 13.13 5.80 12.65
N GLN B 43 13.49 6.50 11.59
CA GLN B 43 13.29 6.11 10.18
C GLN B 43 14.66 5.74 9.62
N GLN B 44 14.80 4.53 9.07
CA GLN B 44 16.04 4.18 8.33
C GLN B 44 15.66 3.83 6.90
N ARG B 45 15.93 4.76 5.98
CA ARG B 45 15.70 4.64 4.52
C ARG B 45 16.76 3.71 3.96
N PRO B 46 16.47 3.01 2.83
CA PRO B 46 17.41 2.07 2.22
C PRO B 46 18.81 2.68 1.97
N GLY B 47 19.85 2.02 2.48
CA GLY B 47 21.26 2.42 2.28
C GLY B 47 21.62 3.73 2.99
N GLN B 48 20.95 4.05 4.09
CA GLN B 48 21.15 5.33 4.82
C GLN B 48 21.23 5.07 6.32
N PRO B 49 21.88 5.98 7.08
CA PRO B 49 21.87 5.91 8.52
C PRO B 49 20.47 6.18 9.06
N PRO B 50 20.16 5.71 10.28
CA PRO B 50 18.90 6.05 10.92
C PRO B 50 18.74 7.57 11.10
N ARG B 51 17.50 8.02 11.04
CA ARG B 51 17.08 9.42 11.28
C ARG B 51 16.16 9.44 12.51
N LEU B 52 16.45 10.29 13.50
CA LEU B 52 15.58 10.47 14.68
C LEU B 52 14.32 11.22 14.21
N LEU B 53 13.15 10.67 14.49
CA LEU B 53 11.87 11.32 14.15
C LEU B 53 11.33 12.00 15.40
N ILE B 54 11.24 11.22 16.47
CA ILE B 54 10.51 11.59 17.69
C ILE B 54 11.32 11.08 18.88
N HIS B 55 11.35 11.87 19.95
CA HIS B 55 11.89 11.46 21.26
C HIS B 55 10.87 11.85 22.33
N TRP B 56 11.04 11.33 23.56
CA TRP B 56 10.08 11.56 24.68
C TRP B 56 8.68 11.10 24.24
N ALA B 57 8.61 10.05 23.41
CA ALA B 57 7.37 9.39 22.93
C ALA B 57 6.65 10.24 21.88
N SER B 58 6.60 11.57 22.01
CA SER B 58 5.69 12.38 21.17
C SER B 58 6.30 13.72 20.77
N THR B 59 7.56 14.01 21.11
CA THR B 59 8.19 15.29 20.68
C THR B 59 8.92 15.06 19.36
N ARG B 60 8.45 15.74 18.33
CA ARG B 60 8.95 15.62 16.95
C ARG B 60 10.25 16.42 16.89
N LYS B 61 11.30 15.86 16.27
CA LYS B 61 12.57 16.56 16.05
C LYS B 61 12.31 17.66 15.02
N SER B 62 12.99 18.79 15.17
CA SER B 62 12.96 19.93 14.21
C SER B 62 13.24 19.40 12.81
N GLY B 63 12.42 19.78 11.83
CA GLY B 63 12.60 19.43 10.41
C GLY B 63 11.82 18.17 10.03
N VAL B 64 11.32 17.41 10.99
CA VAL B 64 10.49 16.19 10.70
C VAL B 64 9.07 16.66 10.39
N PRO B 65 8.47 16.26 9.24
CA PRO B 65 7.09 16.64 8.90
C PRO B 65 6.08 16.25 9.99
N ASP B 66 5.04 17.07 10.15
CA ASP B 66 3.94 16.84 11.13
C ASP B 66 3.10 15.63 10.70
N ARG B 67 3.35 15.03 9.53
CA ARG B 67 2.76 13.71 9.13
C ARG B 67 3.18 12.62 10.11
N PHE B 68 4.32 12.79 10.77
CA PHE B 68 4.83 11.80 11.76
C PHE B 68 4.36 12.22 13.15
N SER B 69 3.67 11.36 13.89
CA SER B 69 3.31 11.69 15.29
C SER B 69 3.43 10.45 16.16
N GLY B 70 3.97 10.63 17.36
CA GLY B 70 4.10 9.56 18.36
C GLY B 70 3.10 9.78 19.47
N SER B 71 2.55 8.70 20.00
CA SER B 71 1.54 8.72 21.09
C SER B 71 1.82 7.52 21.98
N GLY B 72 1.09 7.43 23.10
CA GLY B 72 1.17 6.28 24.02
C GLY B 72 1.69 6.69 25.38
N PHE B 73 1.53 5.82 26.36
CA PHE B 73 1.96 6.02 27.75
C PHE B 73 2.40 4.67 28.31
N GLY B 74 3.47 4.66 29.11
CA GLY B 74 3.80 3.52 29.98
C GLY B 74 4.47 2.44 29.18
N THR B 75 3.70 1.47 28.66
CA THR B 75 4.24 0.31 27.91
C THR B 75 3.73 0.25 26.46
N ASP B 76 2.74 1.06 26.05
CA ASP B 76 2.13 0.93 24.69
C ASP B 76 2.29 2.26 23.95
N PHE B 77 3.01 2.23 22.84
CA PHE B 77 3.37 3.44 22.07
C PHE B 77 3.02 3.19 20.60
N THR B 78 2.78 4.29 19.90
CA THR B 78 2.34 4.23 18.49
C THR B 78 3.06 5.32 17.71
N LEU B 79 3.56 4.95 16.54
CA LEU B 79 3.96 5.91 15.49
C LEU B 79 2.86 5.91 14.43
N THR B 80 2.31 7.09 14.14
CA THR B 80 1.31 7.29 13.07
C THR B 80 1.97 8.12 11.99
N ILE B 81 1.87 7.66 10.76
CA ILE B 81 2.30 8.44 9.57
C ILE B 81 1.05 8.71 8.73
N THR B 82 0.64 9.97 8.62
CA THR B 82 -0.52 10.36 7.77
C THR B 82 0.03 10.75 6.40
N SER B 83 -0.82 10.70 5.36
CA SER B 83 -0.51 11.25 4.02
C SER B 83 0.83 10.67 3.53
N LEU B 84 0.91 9.35 3.51
CA LEU B 84 2.16 8.62 3.20
C LEU B 84 2.76 9.09 1.88
N GLN B 85 4.05 9.36 1.88
CA GLN B 85 4.82 9.80 0.70
C GLN B 85 5.77 8.66 0.27
N ALA B 86 6.18 8.67 -0.99
CA ALA B 86 7.18 7.77 -1.58
C ALA B 86 8.45 7.75 -0.72
N GLU B 87 8.88 8.91 -0.21
CA GLU B 87 10.18 9.02 0.50
C GLU B 87 10.06 8.42 1.90
N ASP B 88 8.87 7.97 2.33
CA ASP B 88 8.67 7.37 3.68
C ASP B 88 9.06 5.88 3.69
N VAL B 89 9.38 5.28 2.54
CA VAL B 89 9.82 3.87 2.46
C VAL B 89 11.07 3.73 3.34
N ALA B 90 10.99 2.86 4.32
CA ALA B 90 12.02 2.78 5.37
C ALA B 90 11.68 1.62 6.28
N ILE B 91 12.63 1.28 7.14
CA ILE B 91 12.35 0.48 8.35
C ILE B 91 12.29 1.47 9.50
N TYR B 92 11.25 1.35 10.32
CA TYR B 92 10.97 2.22 11.48
C TYR B 92 11.30 1.43 12.75
N TYR B 93 12.08 2.03 13.64
CA TYR B 93 12.52 1.43 14.91
C TYR B 93 12.08 2.32 16.07
N CYS B 94 11.55 1.70 17.10
CA CYS B 94 11.41 2.30 18.43
C CYS B 94 12.65 1.91 19.23
N GLN B 95 12.94 2.72 20.24
CA GLN B 95 14.08 2.53 21.18
C GLN B 95 13.69 3.16 22.51
N GLN B 96 13.98 2.49 23.61
CA GLN B 96 13.78 3.05 24.98
C GLN B 96 15.10 3.69 25.41
N TYR B 97 15.02 4.88 26.00
CA TYR B 97 16.17 5.68 26.50
C TYR B 97 16.04 5.85 28.02
N PHE B 98 15.42 4.86 28.66
CA PHE B 98 15.00 4.87 30.08
C PHE B 98 16.11 4.27 30.96
N SER B 99 16.64 3.09 30.59
CA SER B 99 17.66 2.38 31.40
C SER B 99 18.53 1.48 30.50
N PRO B 100 19.87 1.58 30.62
CA PRO B 100 20.79 0.82 29.77
C PRO B 100 20.61 -0.68 29.99
N PRO B 101 20.79 -1.56 28.97
CA PRO B 101 21.07 -1.14 27.60
C PRO B 101 19.84 -0.50 26.93
N TYR B 102 20.09 0.51 26.10
CA TYR B 102 19.05 1.37 25.47
C TYR B 102 18.50 0.67 24.23
N THR B 103 17.69 -0.36 24.45
CA THR B 103 17.30 -1.41 23.48
C THR B 103 16.33 -0.85 22.42
N PHE B 104 16.46 -1.36 21.21
CA PHE B 104 15.62 -1.07 20.03
C PHE B 104 14.57 -2.17 19.89
N GLY B 105 13.43 -1.82 19.31
CA GLY B 105 12.50 -2.79 18.73
C GLY B 105 13.14 -3.46 17.53
N GLN B 106 12.50 -4.51 17.01
CA GLN B 106 13.06 -5.36 15.94
C GLN B 106 12.88 -4.64 14.60
N GLY B 107 12.13 -3.54 14.56
CA GLY B 107 11.87 -2.80 13.31
C GLY B 107 10.55 -3.20 12.67
N THR B 108 9.95 -2.26 11.95
CA THR B 108 8.75 -2.44 11.10
C THR B 108 9.12 -1.95 9.71
N LYS B 109 9.08 -2.82 8.72
CA LYS B 109 9.49 -2.50 7.34
C LYS B 109 8.27 -1.96 6.62
N LEU B 110 8.32 -0.70 6.20
CA LEU B 110 7.19 0.01 5.54
C LEU B 110 7.39 -0.04 4.04
N GLU B 111 6.46 -0.72 3.38
CA GLU B 111 6.34 -0.78 1.91
C GLU B 111 5.32 0.27 1.46
N ILE B 112 5.63 0.98 0.38
CA ILE B 112 4.71 1.95 -0.25
C ILE B 112 3.94 1.19 -1.32
N LYS B 113 2.61 1.21 -1.24
CA LYS B 113 1.77 0.59 -2.30
C LYS B 113 1.54 1.65 -3.36
N ARG B 114 1.77 1.26 -4.61
CA ARG B 114 1.58 2.15 -5.78
C ARG B 114 0.86 1.33 -6.85
N THR B 115 0.63 1.95 -8.00
CA THR B 115 0.03 1.27 -9.18
C THR B 115 1.01 0.21 -9.68
N VAL B 116 0.47 -0.86 -10.24
CA VAL B 116 1.24 -1.95 -10.90
C VAL B 116 2.10 -1.29 -11.97
N ALA B 117 3.36 -1.70 -12.07
CA ALA B 117 4.35 -1.19 -13.05
C ALA B 117 5.09 -2.40 -13.61
N ALA B 118 4.97 -2.64 -14.91
CA ALA B 118 5.62 -3.78 -15.59
C ALA B 118 7.13 -3.56 -15.54
N PRO B 119 7.94 -4.62 -15.40
CA PRO B 119 9.39 -4.48 -15.52
C PRO B 119 9.77 -4.23 -16.99
N SER B 120 10.79 -3.42 -17.22
CA SER B 120 11.60 -3.45 -18.46
C SER B 120 12.62 -4.57 -18.30
N VAL B 121 12.74 -5.46 -19.29
CA VAL B 121 13.61 -6.65 -19.21
C VAL B 121 14.77 -6.50 -20.19
N PHE B 122 15.98 -6.79 -19.73
CA PHE B 122 17.22 -6.72 -20.53
C PHE B 122 18.06 -7.95 -20.23
N ILE B 123 18.70 -8.49 -21.26
CA ILE B 123 19.61 -9.65 -21.12
C ILE B 123 21.01 -9.22 -21.56
N PHE B 124 22.02 -9.72 -20.88
CA PHE B 124 23.43 -9.42 -21.14
C PHE B 124 24.17 -10.74 -21.29
N PRO B 125 24.81 -10.97 -22.45
CA PRO B 125 25.66 -12.13 -22.61
C PRO B 125 26.92 -11.95 -21.76
N PRO B 126 27.64 -13.05 -21.46
CA PRO B 126 28.94 -12.96 -20.81
C PRO B 126 29.89 -12.14 -21.70
N SER B 127 30.79 -11.39 -21.06
CA SER B 127 31.86 -10.64 -21.75
C SER B 127 32.89 -11.63 -22.30
N ASP B 128 33.56 -11.27 -23.38
CA ASP B 128 34.71 -12.03 -23.91
C ASP B 128 35.78 -12.12 -22.81
N GLU B 129 36.03 -11.03 -22.10
CA GLU B 129 37.05 -10.99 -21.00
C GLU B 129 36.72 -12.07 -19.96
N GLN B 130 35.46 -12.20 -19.55
CA GLN B 130 35.10 -13.24 -18.56
C GLN B 130 35.32 -14.64 -19.15
N LEU B 131 34.90 -14.88 -20.40
CA LEU B 131 34.97 -16.23 -21.03
C LEU B 131 36.42 -16.73 -21.03
N LYS B 132 37.39 -15.82 -21.23
CA LYS B 132 38.84 -16.13 -21.14
C LYS B 132 39.19 -16.80 -19.80
N SER B 133 38.51 -16.43 -18.71
CA SER B 133 38.78 -16.89 -17.32
C SER B 133 38.16 -18.27 -17.04
N GLY B 134 37.29 -18.80 -17.93
CA GLY B 134 36.73 -20.16 -17.82
C GLY B 134 35.30 -20.20 -17.28
N THR B 135 34.66 -19.04 -17.10
CA THR B 135 33.28 -18.94 -16.55
C THR B 135 32.44 -18.03 -17.44
N ALA B 136 31.13 -18.31 -17.52
CA ALA B 136 30.14 -17.50 -18.24
C ALA B 136 29.05 -17.06 -17.26
N SER B 137 28.90 -15.75 -17.09
CA SER B 137 27.80 -15.14 -16.30
C SER B 137 26.86 -14.47 -17.31
N VAL B 138 25.60 -14.89 -17.29
CA VAL B 138 24.52 -14.32 -18.13
C VAL B 138 23.60 -13.58 -17.17
N VAL B 139 23.27 -12.33 -17.46
CA VAL B 139 22.51 -11.47 -16.53
C VAL B 139 21.22 -11.05 -17.20
N CYS B 140 20.15 -11.20 -16.44
CA CYS B 140 18.80 -10.73 -16.79
C CYS B 140 18.39 -9.65 -15.79
N LEU B 141 18.06 -8.47 -16.29
CA LEU B 141 17.64 -7.30 -15.50
C LEU B 141 16.15 -7.06 -15.71
N LEU B 142 15.42 -7.01 -14.61
CA LEU B 142 14.01 -6.53 -14.53
C LEU B 142 14.08 -5.16 -13.88
N ASN B 143 13.78 -4.10 -14.63
CA ASN B 143 13.99 -2.71 -14.13
C ASN B 143 12.65 -2.07 -13.79
N ASN B 144 12.54 -1.52 -12.57
CA ASN B 144 11.52 -0.53 -12.14
C ASN B 144 10.12 -1.14 -12.27
N PHE B 145 9.84 -2.16 -11.46
CA PHE B 145 8.54 -2.83 -11.44
C PHE B 145 7.93 -2.77 -10.04
N TYR B 146 6.63 -3.05 -10.02
CA TYR B 146 5.79 -3.10 -8.81
C TYR B 146 4.55 -3.91 -9.15
N PRO B 147 4.13 -4.87 -8.30
CA PRO B 147 4.77 -5.16 -7.02
C PRO B 147 6.02 -6.04 -7.12
N ARG B 148 6.52 -6.46 -5.96
CA ARG B 148 7.81 -7.17 -5.78
C ARG B 148 7.76 -8.55 -6.47
N GLU B 149 6.62 -9.23 -6.40
CA GLU B 149 6.49 -10.64 -6.87
C GLU B 149 6.81 -10.69 -8.38
N ALA B 150 7.79 -11.51 -8.75
CA ALA B 150 8.25 -11.70 -10.14
C ALA B 150 8.89 -13.07 -10.27
N LYS B 151 8.59 -13.77 -11.36
CA LYS B 151 9.18 -15.09 -11.68
C LYS B 151 10.17 -14.93 -12.85
N VAL B 152 11.39 -15.40 -12.68
CA VAL B 152 12.42 -15.35 -13.76
C VAL B 152 12.88 -16.78 -13.99
N GLN B 153 12.68 -17.29 -15.20
CA GLN B 153 13.15 -18.64 -15.59
C GLN B 153 14.21 -18.50 -16.68
N TRP B 154 15.32 -19.21 -16.52
CA TRP B 154 16.38 -19.34 -17.53
C TRP B 154 16.07 -20.56 -18.40
N LYS B 155 16.15 -20.38 -19.71
CA LYS B 155 16.07 -21.49 -20.70
C LYS B 155 17.31 -21.44 -21.59
N VAL B 156 18.03 -22.56 -21.66
CA VAL B 156 19.21 -22.75 -22.55
C VAL B 156 18.86 -23.87 -23.55
N ASP B 157 18.82 -23.53 -24.85
CA ASP B 157 18.26 -24.40 -25.92
C ASP B 157 16.95 -25.02 -25.42
N ASN B 158 16.10 -24.21 -24.78
CA ASN B 158 14.71 -24.51 -24.30
C ASN B 158 14.66 -25.49 -23.13
N ALA B 159 15.80 -25.85 -22.55
CA ALA B 159 15.86 -26.59 -21.26
C ALA B 159 15.77 -25.57 -20.10
N LEU B 160 14.72 -25.70 -19.29
CA LEU B 160 14.52 -24.91 -18.04
C LEU B 160 15.69 -25.20 -17.11
N GLN B 161 16.38 -24.16 -16.61
CA GLN B 161 17.58 -24.29 -15.73
C GLN B 161 17.16 -24.33 -14.26
N SER B 162 17.91 -25.06 -13.44
CA SER B 162 17.70 -25.25 -11.98
C SER B 162 19.06 -25.31 -11.29
N GLY B 163 19.22 -24.58 -10.18
CA GLY B 163 20.38 -24.69 -9.28
C GLY B 163 21.54 -23.80 -9.67
N ASN B 164 21.49 -23.16 -10.85
CA ASN B 164 22.66 -22.45 -11.42
C ASN B 164 22.38 -20.94 -11.64
N SER B 165 21.45 -20.34 -10.90
CA SER B 165 21.21 -18.87 -10.97
C SER B 165 20.98 -18.30 -9.56
N GLN B 166 21.29 -17.03 -9.37
CA GLN B 166 21.00 -16.29 -8.12
C GLN B 166 20.34 -14.96 -8.48
N GLU B 167 19.40 -14.53 -7.65
CA GLU B 167 18.66 -13.27 -7.82
C GLU B 167 19.11 -12.30 -6.74
N SER B 168 19.09 -11.02 -7.06
CA SER B 168 19.27 -9.92 -6.10
C SER B 168 18.24 -8.85 -6.43
N VAL B 169 17.64 -8.25 -5.41
CA VAL B 169 16.54 -7.27 -5.59
C VAL B 169 16.92 -5.99 -4.85
N THR B 170 16.69 -4.83 -5.45
CA THR B 170 16.90 -3.52 -4.79
C THR B 170 15.80 -3.34 -3.74
N GLU B 171 16.02 -2.42 -2.81
CA GLU B 171 14.94 -1.90 -1.94
C GLU B 171 14.05 -1.00 -2.82
N GLN B 172 12.83 -0.80 -2.38
CA GLN B 172 11.85 0.06 -3.07
C GLN B 172 12.45 1.46 -3.23
N ASP B 173 12.42 2.01 -4.43
CA ASP B 173 12.95 3.36 -4.75
C ASP B 173 12.18 4.44 -3.97
N SER B 174 12.91 5.42 -3.44
CA SER B 174 12.40 6.51 -2.57
C SER B 174 11.50 7.48 -3.36
N LYS B 175 11.60 7.50 -4.69
CA LYS B 175 10.86 8.47 -5.55
C LYS B 175 9.72 7.75 -6.30
N ASP B 176 9.97 6.60 -6.95
CA ASP B 176 8.95 5.97 -7.84
C ASP B 176 8.37 4.68 -7.21
N SER B 177 8.85 4.25 -6.04
CA SER B 177 8.27 3.12 -5.25
C SER B 177 8.40 1.80 -6.02
N THR B 178 9.35 1.69 -6.95
CA THR B 178 9.57 0.45 -7.74
C THR B 178 10.75 -0.36 -7.19
N TYR B 179 10.79 -1.63 -7.58
CA TYR B 179 11.93 -2.57 -7.39
C TYR B 179 12.61 -2.77 -8.72
N SER B 180 13.88 -3.16 -8.65
CA SER B 180 14.65 -3.77 -9.75
C SER B 180 15.27 -5.08 -9.26
N LEU B 181 15.50 -6.01 -10.17
CA LEU B 181 15.97 -7.38 -9.85
C LEU B 181 16.96 -7.82 -10.93
N SER B 182 18.05 -8.46 -10.51
CA SER B 182 19.06 -9.11 -11.37
C SER B 182 18.91 -10.61 -11.15
N SER B 183 18.88 -11.39 -12.23
CA SER B 183 19.10 -12.86 -12.18
C SER B 183 20.37 -13.16 -12.96
N THR B 184 21.31 -13.84 -12.34
CA THR B 184 22.63 -14.17 -12.90
C THR B 184 22.72 -15.69 -13.03
N LEU B 185 22.84 -16.17 -14.27
CA LEU B 185 23.05 -17.59 -14.61
C LEU B 185 24.56 -17.79 -14.78
N THR B 186 25.15 -18.70 -14.01
CA THR B 186 26.60 -18.98 -14.02
C THR B 186 26.82 -20.40 -14.58
N LEU B 187 27.56 -20.47 -15.68
CA LEU B 187 27.98 -21.72 -16.34
C LEU B 187 29.49 -21.73 -16.45
N SER B 188 30.12 -22.91 -16.47
CA SER B 188 31.50 -23.11 -17.00
C SER B 188 31.53 -22.62 -18.45
N LYS B 189 32.71 -22.18 -18.91
CA LYS B 189 32.89 -21.80 -20.33
C LYS B 189 32.45 -22.96 -21.25
N ALA B 190 32.86 -24.18 -20.90
CA ALA B 190 32.59 -25.42 -21.68
C ALA B 190 31.08 -25.62 -21.85
N ASP B 191 30.30 -25.54 -20.76
CA ASP B 191 28.82 -25.68 -20.79
C ASP B 191 28.23 -24.57 -21.66
N TYR B 192 28.69 -23.33 -21.47
CA TYR B 192 28.21 -22.16 -22.24
C TYR B 192 28.36 -22.44 -23.74
N GLU B 193 29.51 -23.01 -24.12
CA GLU B 193 29.89 -23.13 -25.55
C GLU B 193 29.18 -24.33 -26.21
N LYS B 194 28.58 -25.23 -25.44
CA LYS B 194 27.79 -26.38 -25.95
C LYS B 194 26.37 -25.97 -26.36
N HIS B 195 25.90 -24.76 -26.03
CA HIS B 195 24.49 -24.37 -26.28
C HIS B 195 24.44 -23.08 -27.09
N LYS B 196 23.33 -22.81 -27.79
CA LYS B 196 23.22 -21.64 -28.69
C LYS B 196 22.28 -20.57 -28.10
N VAL B 197 21.06 -20.93 -27.68
CA VAL B 197 19.99 -19.95 -27.34
C VAL B 197 19.94 -19.77 -25.83
N TYR B 198 20.18 -18.54 -25.37
CA TYR B 198 20.12 -18.13 -23.94
C TYR B 198 18.92 -17.21 -23.77
N ALA B 199 17.99 -17.60 -22.90
CA ALA B 199 16.70 -16.90 -22.75
C ALA B 199 16.34 -16.73 -21.28
N CYS B 200 15.84 -15.55 -21.00
CA CYS B 200 15.33 -15.11 -19.69
C CYS B 200 13.83 -14.89 -19.86
N GLU B 201 12.99 -15.65 -19.17
CA GLU B 201 11.52 -15.48 -19.26
C GLU B 201 10.95 -14.89 -17.96
N VAL B 202 10.24 -13.77 -18.08
CA VAL B 202 9.79 -12.96 -16.92
C VAL B 202 8.26 -13.03 -16.85
N THR B 203 7.73 -13.44 -15.71
CA THR B 203 6.28 -13.36 -15.36
C THR B 203 6.08 -12.29 -14.28
N HIS B 204 5.19 -11.36 -14.53
CA HIS B 204 4.85 -10.27 -13.60
C HIS B 204 3.44 -9.75 -13.90
N GLN B 205 2.76 -9.33 -12.84
CA GLN B 205 1.36 -8.84 -12.88
C GLN B 205 1.21 -7.78 -13.96
N GLY B 206 2.22 -6.94 -14.16
CA GLY B 206 2.15 -5.78 -15.06
C GLY B 206 2.21 -6.18 -16.53
N LEU B 207 2.56 -7.43 -16.84
CA LEU B 207 2.69 -7.95 -18.22
C LEU B 207 1.40 -8.70 -18.60
N SER B 208 0.91 -8.53 -19.82
CA SER B 208 -0.23 -9.31 -20.39
C SER B 208 0.06 -10.81 -20.35
N SER B 209 1.32 -11.22 -20.55
CA SER B 209 1.79 -12.63 -20.51
C SER B 209 3.31 -12.63 -20.40
N PRO B 210 3.97 -13.78 -20.10
CA PRO B 210 5.41 -13.75 -19.85
C PRO B 210 6.21 -13.16 -21.02
N VAL B 211 7.24 -12.38 -20.71
CA VAL B 211 8.14 -11.73 -21.69
C VAL B 211 9.45 -12.53 -21.73
N THR B 212 9.94 -12.88 -22.92
CA THR B 212 11.25 -13.56 -23.10
C THR B 212 12.24 -12.60 -23.77
N LYS B 213 13.41 -12.42 -23.17
CA LYS B 213 14.59 -11.79 -23.83
C LYS B 213 15.63 -12.89 -23.99
N SER B 214 16.24 -12.95 -25.17
CA SER B 214 17.17 -14.03 -25.54
C SER B 214 18.23 -13.49 -26.50
N PHE B 215 19.30 -14.25 -26.65
CA PHE B 215 20.37 -14.01 -27.64
C PHE B 215 20.88 -15.39 -28.08
N ASN B 216 21.52 -15.43 -29.25
CA ASN B 216 22.22 -16.63 -29.76
C ASN B 216 23.71 -16.42 -29.52
N ARG B 217 24.34 -17.37 -28.84
CA ARG B 217 25.80 -17.31 -28.51
C ARG B 217 26.56 -17.03 -29.82
N GLY B 218 27.36 -15.97 -29.84
CA GLY B 218 28.24 -15.60 -30.97
C GLY B 218 27.54 -14.82 -32.08
N GLU B 219 26.38 -14.21 -31.82
CA GLU B 219 25.63 -13.37 -32.80
C GLU B 219 25.14 -12.09 -32.13
N GLU C 1 -1.67 -7.55 -16.39
CA GLU C 1 -2.79 -7.18 -15.49
C GLU C 1 -4.02 -7.98 -15.93
N VAL C 2 -4.57 -8.83 -15.08
CA VAL C 2 -5.87 -9.50 -15.37
C VAL C 2 -6.96 -8.43 -15.32
N GLN C 3 -7.81 -8.35 -16.35
CA GLN C 3 -8.96 -7.40 -16.42
C GLN C 3 -10.21 -8.18 -16.80
N LEU C 4 -11.24 -8.10 -15.96
CA LEU C 4 -12.60 -8.60 -16.29
C LEU C 4 -13.51 -7.38 -16.37
N VAL C 5 -14.28 -7.26 -17.44
CA VAL C 5 -15.18 -6.10 -17.68
C VAL C 5 -16.57 -6.65 -18.00
N GLU C 6 -17.51 -6.48 -17.06
CA GLU C 6 -18.93 -6.87 -17.22
C GLU C 6 -19.64 -5.81 -18.06
N SER C 7 -20.55 -6.21 -18.93
CA SER C 7 -21.43 -5.30 -19.71
C SER C 7 -22.77 -5.99 -19.96
N GLY C 8 -23.76 -5.23 -20.45
CA GLY C 8 -25.07 -5.73 -20.87
C GLY C 8 -26.10 -5.56 -19.77
N GLY C 9 -25.72 -4.96 -18.66
CA GLY C 9 -26.67 -4.69 -17.57
C GLY C 9 -27.40 -3.40 -17.82
N GLY C 10 -28.57 -3.24 -17.23
CA GLY C 10 -29.36 -2.01 -17.32
C GLY C 10 -30.74 -2.26 -16.79
N LEU C 11 -31.66 -1.36 -17.12
CA LEU C 11 -33.07 -1.42 -16.71
C LEU C 11 -33.81 -2.37 -17.62
N VAL C 12 -34.61 -3.28 -17.06
CA VAL C 12 -35.34 -4.30 -17.85
C VAL C 12 -36.68 -4.54 -17.17
N GLN C 13 -37.73 -4.77 -17.97
CA GLN C 13 -39.10 -5.04 -17.48
C GLN C 13 -39.12 -6.33 -16.69
N PRO C 14 -39.93 -6.46 -15.60
CA PRO C 14 -40.18 -7.76 -14.99
C PRO C 14 -40.67 -8.75 -16.06
N GLY C 15 -40.17 -10.01 -16.03
CA GLY C 15 -40.47 -11.04 -17.03
C GLY C 15 -39.55 -10.95 -18.23
N GLY C 16 -38.73 -9.90 -18.33
CA GLY C 16 -37.84 -9.70 -19.48
C GLY C 16 -36.57 -10.50 -19.36
N SER C 17 -35.68 -10.34 -20.35
CA SER C 17 -34.42 -11.08 -20.54
C SER C 17 -33.28 -10.09 -20.71
N LEU C 18 -32.09 -10.47 -20.29
CA LEU C 18 -30.82 -9.75 -20.55
C LEU C 18 -29.76 -10.80 -20.83
N ARG C 19 -28.72 -10.44 -21.57
CA ARG C 19 -27.50 -11.24 -21.66
C ARG C 19 -26.35 -10.38 -21.14
N LEU C 20 -25.72 -10.82 -20.07
CA LEU C 20 -24.49 -10.15 -19.57
C LEU C 20 -23.30 -10.78 -20.30
N SER C 21 -22.29 -9.96 -20.52
CA SER C 21 -20.97 -10.35 -21.07
C SER C 21 -19.91 -9.94 -20.07
N CYS C 22 -18.87 -10.73 -20.00
CA CYS C 22 -17.65 -10.44 -19.20
C CYS C 22 -16.44 -10.64 -20.12
N SER C 23 -15.81 -9.54 -20.55
CA SER C 23 -14.63 -9.54 -21.44
C SER C 23 -13.38 -9.71 -20.57
N ALA C 24 -12.61 -10.75 -20.88
CA ALA C 24 -11.38 -11.15 -20.15
C ALA C 24 -10.16 -10.75 -20.98
N SER C 25 -9.15 -10.16 -20.33
CA SER C 25 -7.82 -9.95 -20.93
C SER C 25 -6.73 -10.08 -19.86
N GLY C 26 -5.50 -10.36 -20.30
CA GLY C 26 -4.28 -10.34 -19.45
C GLY C 26 -4.00 -11.70 -18.83
N PHE C 27 -4.65 -12.75 -19.31
CA PHE C 27 -4.43 -14.15 -18.88
C PHE C 27 -4.99 -15.10 -19.93
N SER C 28 -4.73 -16.38 -19.74
CA SER C 28 -5.16 -17.46 -20.65
C SER C 28 -6.57 -17.88 -20.25
N PHE C 29 -7.57 -17.24 -20.86
CA PHE C 29 -9.01 -17.35 -20.48
C PHE C 29 -9.42 -18.83 -20.39
N ASN C 30 -9.01 -19.66 -21.34
CA ASN C 30 -9.48 -21.08 -21.44
C ASN C 30 -8.83 -21.97 -20.35
N SER C 31 -7.96 -21.43 -19.48
CA SER C 31 -7.25 -22.19 -18.41
C SER C 31 -7.98 -22.12 -17.05
N PHE C 32 -9.08 -21.34 -16.92
CA PHE C 32 -9.67 -21.06 -15.59
C PHE C 32 -11.20 -21.21 -15.58
N TRP C 33 -11.71 -21.73 -14.47
CA TRP C 33 -13.14 -21.63 -14.11
C TRP C 33 -13.52 -20.15 -14.07
N MET C 34 -14.76 -19.86 -14.36
CA MET C 34 -15.29 -18.48 -14.30
C MET C 34 -16.61 -18.50 -13.54
N HIS C 35 -16.88 -17.42 -12.81
CA HIS C 35 -18.01 -17.31 -11.86
C HIS C 35 -18.79 -16.03 -12.10
N TRP C 36 -20.09 -16.08 -11.82
CA TRP C 36 -20.96 -14.89 -11.65
C TRP C 36 -21.40 -14.87 -10.19
N VAL C 37 -21.33 -13.67 -9.60
CA VAL C 37 -21.79 -13.36 -8.23
C VAL C 37 -22.60 -12.07 -8.32
N ARG C 38 -23.62 -11.93 -7.51
CA ARG C 38 -24.40 -10.67 -7.52
C ARG C 38 -24.49 -10.09 -6.12
N GLN C 39 -24.79 -8.80 -6.06
CA GLN C 39 -24.97 -8.07 -4.78
C GLN C 39 -26.03 -6.97 -4.96
N VAL C 40 -27.13 -7.10 -4.22
CA VAL C 40 -28.09 -5.99 -4.04
C VAL C 40 -27.31 -4.88 -3.35
N PRO C 41 -27.34 -3.61 -3.83
CA PRO C 41 -26.57 -2.54 -3.21
C PRO C 41 -26.85 -2.49 -1.70
N GLY C 42 -25.78 -2.36 -0.90
CA GLY C 42 -25.80 -2.38 0.57
C GLY C 42 -26.13 -3.73 1.20
N LYS C 43 -26.18 -4.82 0.43
CA LYS C 43 -26.45 -6.20 0.96
C LYS C 43 -25.23 -7.07 0.67
N GLY C 44 -25.38 -8.38 0.88
CA GLY C 44 -24.27 -9.35 0.83
C GLY C 44 -24.00 -9.86 -0.57
N LEU C 45 -22.84 -10.50 -0.74
CA LEU C 45 -22.50 -11.28 -1.96
C LEU C 45 -23.37 -12.55 -2.02
N VAL C 46 -23.94 -12.83 -3.19
CA VAL C 46 -24.74 -14.05 -3.48
C VAL C 46 -24.11 -14.71 -4.70
N TRP C 47 -23.60 -15.94 -4.53
CA TRP C 47 -23.04 -16.74 -5.63
C TRP C 47 -24.18 -17.12 -6.58
N ILE C 48 -23.98 -16.95 -7.89
CA ILE C 48 -25.06 -17.16 -8.91
C ILE C 48 -24.73 -18.36 -9.80
N SER C 49 -23.52 -18.48 -10.34
CA SER C 49 -23.21 -19.53 -11.34
C SER C 49 -21.71 -19.66 -11.54
N PHE C 50 -21.29 -20.80 -12.07
CA PHE C 50 -19.91 -20.97 -12.60
C PHE C 50 -19.92 -21.94 -13.77
N THR C 51 -18.79 -21.91 -14.46
CA THR C 51 -18.45 -22.87 -15.53
C THR C 51 -16.99 -23.25 -15.36
N ASN C 52 -16.66 -24.50 -15.68
CA ASN C 52 -15.27 -25.00 -15.79
C ASN C 52 -14.66 -24.48 -17.09
N ASN C 53 -13.43 -24.88 -17.40
CA ASN C 53 -12.59 -24.24 -18.44
C ASN C 53 -13.30 -24.27 -19.78
N GLU C 54 -13.98 -25.38 -20.10
CA GLU C 54 -14.51 -25.67 -21.46
C GLU C 54 -16.03 -25.48 -21.47
N GLY C 55 -16.67 -25.26 -20.32
CA GLY C 55 -18.13 -25.12 -20.22
C GLY C 55 -18.82 -26.47 -20.17
N THR C 56 -18.10 -27.54 -19.84
CA THR C 56 -18.65 -28.93 -19.80
C THR C 56 -19.33 -29.15 -18.43
N THR C 57 -19.00 -28.34 -17.42
CA THR C 57 -19.66 -28.34 -16.09
C THR C 57 -20.09 -26.89 -15.78
N THR C 58 -21.32 -26.76 -15.32
CA THR C 58 -21.96 -25.48 -14.91
C THR C 58 -22.81 -25.78 -13.69
N ALA C 59 -23.05 -24.79 -12.83
CA ALA C 59 -24.05 -24.87 -11.75
C ALA C 59 -24.62 -23.47 -11.52
N TYR C 60 -25.67 -23.40 -10.73
CA TYR C 60 -26.53 -22.20 -10.55
C TYR C 60 -27.01 -22.16 -9.12
N ALA C 61 -27.18 -20.97 -8.55
CA ALA C 61 -27.92 -20.77 -7.29
C ALA C 61 -29.35 -21.30 -7.46
N ASP C 62 -29.94 -21.83 -6.38
CA ASP C 62 -31.36 -22.30 -6.37
C ASP C 62 -32.27 -21.25 -7.00
N SER C 63 -32.14 -19.98 -6.60
CA SER C 63 -33.13 -18.91 -6.92
C SER C 63 -33.07 -18.55 -8.41
N VAL C 64 -32.09 -19.03 -9.18
CA VAL C 64 -31.96 -18.68 -10.63
C VAL C 64 -31.95 -19.93 -11.53
N ARG C 65 -31.87 -21.13 -10.97
CA ARG C 65 -31.77 -22.39 -11.77
C ARG C 65 -33.03 -22.48 -12.64
N GLY C 66 -32.86 -22.77 -13.93
CA GLY C 66 -33.96 -22.86 -14.91
C GLY C 66 -34.26 -21.55 -15.59
N ARG C 67 -33.80 -20.41 -15.05
CA ARG C 67 -34.02 -19.05 -15.63
C ARG C 67 -32.73 -18.52 -16.26
N PHE C 68 -31.56 -18.83 -15.68
CA PHE C 68 -30.26 -18.27 -16.15
C PHE C 68 -29.47 -19.36 -16.89
N ILE C 69 -28.63 -18.95 -17.82
CA ILE C 69 -27.70 -19.88 -18.54
C ILE C 69 -26.33 -19.23 -18.61
N ILE C 70 -25.33 -19.87 -18.00
CA ILE C 70 -23.91 -19.44 -18.14
C ILE C 70 -23.33 -20.09 -19.40
N SER C 71 -22.45 -19.41 -20.10
CA SER C 71 -21.71 -19.98 -21.25
C SER C 71 -20.42 -19.19 -21.42
N ARG C 72 -19.51 -19.68 -22.23
CA ARG C 72 -18.24 -18.96 -22.51
C ARG C 72 -17.87 -19.23 -23.95
N ASP C 73 -17.15 -18.27 -24.54
CA ASP C 73 -16.51 -18.39 -25.87
C ASP C 73 -15.01 -18.18 -25.67
N ASN C 74 -14.28 -19.29 -25.57
CA ASN C 74 -12.82 -19.29 -25.26
C ASN C 74 -12.07 -18.59 -26.40
N ALA C 75 -12.55 -18.71 -27.64
CA ALA C 75 -11.94 -18.04 -28.82
C ALA C 75 -12.08 -16.52 -28.68
N LYS C 76 -13.17 -16.03 -28.06
CA LYS C 76 -13.45 -14.57 -27.95
C LYS C 76 -13.14 -14.03 -26.54
N ASN C 77 -12.66 -14.85 -25.61
CA ASN C 77 -12.26 -14.40 -24.24
C ASN C 77 -13.46 -13.75 -23.56
N THR C 78 -14.64 -14.37 -23.64
CA THR C 78 -15.92 -13.81 -23.16
C THR C 78 -16.68 -14.88 -22.39
N LEU C 79 -17.15 -14.50 -21.21
CA LEU C 79 -18.13 -15.24 -20.39
C LEU C 79 -19.48 -14.55 -20.57
N TYR C 80 -20.56 -15.33 -20.56
CA TYR C 80 -21.94 -14.83 -20.74
C TYR C 80 -22.82 -15.33 -19.60
N LEU C 81 -23.84 -14.55 -19.26
CA LEU C 81 -24.97 -15.00 -18.43
C LEU C 81 -26.27 -14.55 -19.12
N GLU C 82 -27.02 -15.50 -19.62
CA GLU C 82 -28.37 -15.27 -20.17
C GLU C 82 -29.33 -15.31 -18.99
N MET C 83 -30.13 -14.27 -18.81
CA MET C 83 -31.03 -14.12 -17.66
C MET C 83 -32.45 -13.95 -18.20
N ASN C 84 -33.35 -14.88 -17.88
CA ASN C 84 -34.74 -14.92 -18.41
C ASN C 84 -35.72 -14.78 -17.25
N ASN C 85 -36.93 -14.32 -17.56
CA ASN C 85 -38.04 -14.20 -16.60
C ASN C 85 -37.55 -13.47 -15.35
N LEU C 86 -36.94 -12.31 -15.56
CA LEU C 86 -36.33 -11.51 -14.48
C LEU C 86 -37.42 -11.01 -13.53
N ARG C 87 -37.12 -10.93 -12.25
CA ARG C 87 -38.03 -10.35 -11.22
C ARG C 87 -37.24 -9.37 -10.36
N GLY C 88 -37.95 -8.59 -9.54
CA GLY C 88 -37.42 -7.55 -8.64
C GLY C 88 -36.25 -8.08 -7.82
N GLU C 89 -36.33 -9.32 -7.37
CA GLU C 89 -35.31 -10.02 -6.54
C GLU C 89 -34.00 -10.22 -7.32
N ASP C 90 -33.99 -10.06 -8.64
CA ASP C 90 -32.77 -10.20 -9.46
C ASP C 90 -32.06 -8.85 -9.61
N THR C 91 -32.69 -7.75 -9.19
CA THR C 91 -32.05 -6.40 -9.18
C THR C 91 -30.78 -6.49 -8.34
N ALA C 92 -29.62 -6.24 -8.95
CA ALA C 92 -28.31 -6.39 -8.25
C ALA C 92 -27.19 -5.94 -9.17
N VAL C 93 -26.04 -5.67 -8.57
CA VAL C 93 -24.75 -5.59 -9.31
C VAL C 93 -24.31 -7.03 -9.60
N TYR C 94 -24.03 -7.35 -10.86
CA TYR C 94 -23.53 -8.67 -11.30
C TYR C 94 -22.05 -8.53 -11.57
N TYR C 95 -21.27 -9.32 -10.85
CA TYR C 95 -19.79 -9.46 -10.98
C TYR C 95 -19.42 -10.76 -11.69
N CYS C 96 -18.41 -10.71 -12.56
CA CYS C 96 -17.71 -11.95 -12.98
C CYS C 96 -16.36 -11.97 -12.24
N ALA C 97 -15.89 -13.16 -11.98
CA ALA C 97 -14.64 -13.43 -11.23
C ALA C 97 -13.99 -14.68 -11.81
N ARG C 98 -12.67 -14.66 -11.84
CA ARG C 98 -11.84 -15.80 -12.30
C ARG C 98 -11.62 -16.74 -11.10
N GLY C 99 -11.88 -18.02 -11.28
CA GLY C 99 -11.48 -19.08 -10.32
C GLY C 99 -9.98 -19.33 -10.38
N ASP C 100 -9.26 -19.06 -9.30
CA ASP C 100 -7.93 -19.70 -9.02
C ASP C 100 -8.02 -20.58 -7.78
N GLY C 101 -7.37 -20.19 -6.68
CA GLY C 101 -7.58 -20.78 -5.34
C GLY C 101 -8.93 -20.33 -4.81
N GLY C 102 -9.25 -19.06 -4.97
CA GLY C 102 -10.60 -18.53 -4.75
C GLY C 102 -11.02 -17.67 -5.91
N LEU C 103 -12.11 -16.92 -5.77
CA LEU C 103 -12.58 -16.03 -6.85
C LEU C 103 -11.69 -14.79 -6.88
N ASP C 104 -11.10 -14.48 -8.03
CA ASP C 104 -10.05 -13.45 -8.14
C ASP C 104 -10.38 -12.47 -9.26
N ASP C 105 -9.74 -11.30 -9.24
CA ASP C 105 -9.74 -10.35 -10.38
C ASP C 105 -11.17 -9.94 -10.72
N TRP C 106 -12.03 -9.81 -9.71
CA TRP C 106 -13.43 -9.38 -9.85
C TRP C 106 -13.50 -8.11 -10.71
N GLY C 107 -14.48 -8.03 -11.63
CA GLY C 107 -14.70 -6.80 -12.41
C GLY C 107 -15.36 -5.73 -11.56
N GLN C 108 -15.61 -4.55 -12.13
CA GLN C 108 -16.35 -3.43 -11.48
C GLN C 108 -17.82 -3.82 -11.26
N GLY C 109 -18.34 -4.76 -12.06
CA GLY C 109 -19.73 -5.20 -11.96
C GLY C 109 -20.63 -4.37 -12.87
N THR C 110 -21.78 -4.90 -13.21
CA THR C 110 -22.80 -4.23 -14.06
C THR C 110 -24.13 -4.27 -13.29
N LEU C 111 -24.80 -3.12 -13.16
CA LEU C 111 -26.07 -3.05 -12.42
C LEU C 111 -27.22 -3.51 -13.32
N VAL C 112 -28.03 -4.45 -12.83
CA VAL C 112 -29.30 -4.89 -13.47
C VAL C 112 -30.41 -4.37 -12.58
N THR C 113 -31.34 -3.60 -13.14
CA THR C 113 -32.53 -3.09 -12.44
C THR C 113 -33.76 -3.68 -13.12
N VAL C 114 -34.53 -4.47 -12.38
CA VAL C 114 -35.76 -5.12 -12.89
C VAL C 114 -36.93 -4.29 -12.34
N SER C 115 -37.56 -3.51 -13.22
CA SER C 115 -38.58 -2.50 -12.85
C SER C 115 -39.39 -2.16 -14.09
N SER C 116 -40.64 -1.80 -13.90
CA SER C 116 -41.50 -1.26 -14.99
C SER C 116 -41.37 0.27 -15.03
N ALA C 117 -40.62 0.87 -14.12
CA ALA C 117 -40.49 2.35 -13.99
C ALA C 117 -39.68 2.88 -15.18
N SER C 118 -39.96 4.12 -15.58
CA SER C 118 -39.33 4.80 -16.75
C SER C 118 -37.94 5.33 -16.41
N THR C 119 -37.02 5.27 -17.35
CA THR C 119 -35.74 5.99 -17.30
C THR C 119 -36.03 7.48 -17.17
N LYS C 120 -35.35 8.16 -16.26
CA LYS C 120 -35.49 9.62 -16.10
C LYS C 120 -34.14 10.24 -15.76
N GLY C 121 -33.75 11.29 -16.48
CA GLY C 121 -32.45 11.97 -16.29
C GLY C 121 -32.52 12.94 -15.11
N PRO C 122 -31.41 13.14 -14.39
CA PRO C 122 -31.40 14.05 -13.25
C PRO C 122 -31.41 15.54 -13.62
N SER C 123 -31.89 16.35 -12.68
CA SER C 123 -31.63 17.80 -12.61
C SER C 123 -30.43 18.02 -11.70
N VAL C 124 -29.50 18.89 -12.08
CA VAL C 124 -28.30 19.18 -11.26
C VAL C 124 -28.40 20.61 -10.75
N PHE C 125 -28.36 20.79 -9.42
CA PHE C 125 -28.48 22.10 -8.75
C PHE C 125 -27.25 22.37 -7.90
N PRO C 126 -26.85 23.65 -7.79
CA PRO C 126 -25.66 24.00 -7.01
C PRO C 126 -26.01 23.94 -5.51
N LEU C 127 -25.03 23.52 -4.73
CA LEU C 127 -24.96 23.76 -3.28
C LEU C 127 -23.87 24.82 -3.11
N ALA C 128 -24.26 26.08 -3.07
CA ALA C 128 -23.35 27.23 -3.23
C ALA C 128 -22.67 27.53 -1.89
N PRO C 129 -21.35 27.82 -1.89
CA PRO C 129 -20.65 28.14 -0.64
C PRO C 129 -21.20 29.45 -0.07
N SER C 130 -21.31 29.47 1.26
CA SER C 130 -21.74 30.63 2.09
C SER C 130 -20.77 31.81 1.85
N SER C 131 -21.08 32.99 2.42
CA SER C 131 -20.22 34.20 2.36
C SER C 131 -18.86 33.93 3.03
N GLY C 136 -13.74 32.49 6.35
CA GLY C 136 -14.19 31.13 6.73
C GLY C 136 -13.04 30.26 7.22
N GLY C 137 -11.93 30.20 6.48
CA GLY C 137 -10.90 29.14 6.57
C GLY C 137 -11.20 28.04 5.54
N THR C 138 -12.20 27.21 5.82
CA THR C 138 -12.68 26.11 4.93
C THR C 138 -14.13 26.37 4.50
N ALA C 139 -14.41 26.25 3.21
CA ALA C 139 -15.78 26.38 2.67
C ALA C 139 -16.21 25.03 2.13
N ALA C 140 -17.52 24.76 2.13
CA ALA C 140 -18.11 23.58 1.48
C ALA C 140 -18.96 24.04 0.31
N LEU C 141 -18.89 23.31 -0.79
CA LEU C 141 -19.78 23.52 -1.94
C LEU C 141 -20.12 22.16 -2.52
N GLY C 142 -21.10 22.11 -3.41
CA GLY C 142 -21.51 20.81 -3.96
C GLY C 142 -22.53 20.93 -5.05
N CYS C 143 -22.99 19.77 -5.47
CA CYS C 143 -24.02 19.55 -6.51
C CYS C 143 -25.05 18.56 -5.97
N LEU C 144 -26.31 18.94 -6.08
CA LEU C 144 -27.50 18.11 -5.78
C LEU C 144 -27.94 17.53 -7.11
N VAL C 145 -27.86 16.21 -7.22
CA VAL C 145 -28.25 15.44 -8.43
C VAL C 145 -29.59 14.82 -8.11
N LYS C 146 -30.67 15.43 -8.62
CA LYS C 146 -32.02 15.10 -8.11
C LYS C 146 -32.88 14.46 -9.19
N ASP C 147 -33.62 13.42 -8.81
CA ASP C 147 -34.82 12.91 -9.51
C ASP C 147 -34.43 12.13 -10.74
N TYR C 148 -33.66 11.07 -10.55
CA TYR C 148 -33.21 10.20 -11.67
C TYR C 148 -33.60 8.76 -11.39
N PHE C 149 -33.65 7.98 -12.46
CA PHE C 149 -33.92 6.54 -12.41
C PHE C 149 -33.45 5.91 -13.72
N PRO C 150 -32.84 4.70 -13.73
CA PRO C 150 -32.38 3.99 -12.52
C PRO C 150 -31.02 4.52 -12.04
N GLU C 151 -30.43 3.84 -11.04
CA GLU C 151 -29.00 4.01 -10.71
C GLU C 151 -28.19 3.49 -11.91
N PRO C 152 -26.90 3.84 -12.08
CA PRO C 152 -26.19 4.80 -11.23
C PRO C 152 -25.91 6.15 -11.93
N VAL C 153 -25.47 7.14 -11.16
CA VAL C 153 -24.85 8.39 -11.65
C VAL C 153 -23.40 8.39 -11.20
N THR C 154 -22.53 9.04 -11.95
CA THR C 154 -21.14 9.30 -11.52
C THR C 154 -20.99 10.81 -11.38
N VAL C 155 -20.20 11.22 -10.41
CA VAL C 155 -19.89 12.65 -10.17
C VAL C 155 -18.37 12.73 -10.04
N SER C 156 -17.76 13.61 -10.82
CA SER C 156 -16.37 14.00 -10.62
C SER C 156 -16.36 15.52 -10.44
N TRP C 157 -15.23 16.04 -9.98
CA TRP C 157 -15.04 17.51 -9.84
C TRP C 157 -13.86 17.92 -10.72
N ASN C 158 -14.03 19.01 -11.46
CA ASN C 158 -12.95 19.56 -12.32
C ASN C 158 -12.36 18.44 -13.15
N SER C 159 -13.22 17.61 -13.74
CA SER C 159 -12.89 16.49 -14.68
C SER C 159 -11.93 15.51 -14.02
N GLY C 160 -12.01 15.29 -12.71
CA GLY C 160 -11.18 14.30 -12.00
C GLY C 160 -9.90 14.88 -11.41
N ALA C 161 -9.59 16.16 -11.66
CA ALA C 161 -8.42 16.87 -11.08
C ALA C 161 -8.67 17.20 -9.59
N LEU C 162 -9.92 17.33 -9.13
CA LEU C 162 -10.23 17.62 -7.70
C LEU C 162 -10.80 16.37 -7.06
N THR C 163 -10.05 15.77 -6.13
CA THR C 163 -10.42 14.51 -5.43
C THR C 163 -10.36 14.72 -3.92
N SER C 164 -9.45 15.54 -3.40
CA SER C 164 -9.28 15.77 -1.94
C SER C 164 -10.51 16.47 -1.39
N GLY C 165 -11.07 15.92 -0.32
CA GLY C 165 -12.17 16.52 0.43
C GLY C 165 -13.50 16.33 -0.30
N VAL C 166 -13.55 15.51 -1.35
CA VAL C 166 -14.81 15.17 -2.08
C VAL C 166 -15.55 14.09 -1.29
N HIS C 167 -16.82 14.32 -1.00
CA HIS C 167 -17.75 13.26 -0.52
C HIS C 167 -18.93 13.19 -1.46
N THR C 168 -19.05 12.08 -2.18
CA THR C 168 -20.24 11.76 -2.99
C THR C 168 -21.10 10.78 -2.19
N PHE C 169 -22.26 11.23 -1.73
CA PHE C 169 -23.12 10.43 -0.83
C PHE C 169 -23.80 9.33 -1.62
N PRO C 170 -24.06 8.17 -0.97
CA PRO C 170 -24.92 7.15 -1.53
C PRO C 170 -26.27 7.79 -1.89
N ALA C 171 -26.84 7.34 -2.99
CA ALA C 171 -28.16 7.79 -3.50
C ALA C 171 -29.25 7.37 -2.53
N VAL C 172 -30.27 8.21 -2.32
CA VAL C 172 -31.48 7.87 -1.53
CA VAL C 172 -31.47 7.82 -1.54
C VAL C 172 -32.65 7.76 -2.50
N LEU C 173 -33.48 6.75 -2.31
CA LEU C 173 -34.74 6.61 -3.07
C LEU C 173 -35.76 7.50 -2.36
N GLN C 174 -36.35 8.45 -3.08
CA GLN C 174 -37.39 9.36 -2.56
C GLN C 174 -38.74 8.62 -2.63
N SER C 175 -39.75 9.16 -1.94
CA SER C 175 -41.13 8.62 -1.94
C SER C 175 -41.67 8.59 -3.37
N SER C 176 -41.15 9.44 -4.27
CA SER C 176 -41.51 9.49 -5.70
C SER C 176 -41.06 8.22 -6.44
N GLY C 177 -40.12 7.44 -5.89
CA GLY C 177 -39.51 6.30 -6.63
C GLY C 177 -38.30 6.74 -7.45
N LEU C 178 -37.89 8.00 -7.33
CA LEU C 178 -36.70 8.55 -8.03
C LEU C 178 -35.57 8.70 -7.01
N TYR C 179 -34.35 8.51 -7.48
CA TYR C 179 -33.13 8.67 -6.65
C TYR C 179 -32.73 10.14 -6.60
N SER C 180 -31.98 10.46 -5.57
CA SER C 180 -31.32 11.78 -5.37
C SER C 180 -29.98 11.53 -4.69
N LEU C 181 -28.96 12.29 -5.05
CA LEU C 181 -27.73 12.31 -4.22
C LEU C 181 -27.08 13.69 -4.30
N SER C 182 -26.19 13.95 -3.34
CA SER C 182 -25.35 15.16 -3.29
C SER C 182 -23.90 14.70 -3.37
N SER C 183 -23.09 15.49 -4.03
CA SER C 183 -21.62 15.42 -3.99
C SER C 183 -21.16 16.76 -3.45
N VAL C 184 -20.31 16.75 -2.43
CA VAL C 184 -19.81 18.00 -1.79
C VAL C 184 -18.27 17.95 -1.82
N VAL C 185 -17.66 19.10 -1.70
CA VAL C 185 -16.18 19.18 -1.51
C VAL C 185 -15.91 20.34 -0.57
N THR C 186 -14.91 20.20 0.31
CA THR C 186 -14.42 21.32 1.14
C THR C 186 -13.14 21.84 0.48
N VAL C 187 -13.03 23.16 0.41
CA VAL C 187 -11.90 23.88 -0.25
C VAL C 187 -11.53 25.07 0.64
N PRO C 188 -10.34 25.69 0.44
CA PRO C 188 -9.99 26.92 1.16
C PRO C 188 -10.98 28.02 0.79
N SER C 189 -11.55 28.70 1.79
CA SER C 189 -12.40 29.92 1.57
C SER C 189 -11.68 30.88 0.63
N SER C 190 -10.36 30.98 0.75
CA SER C 190 -9.51 31.96 0.00
C SER C 190 -9.51 31.66 -1.49
N SER C 191 -9.87 30.44 -1.91
CA SER C 191 -9.87 30.01 -3.33
C SER C 191 -11.20 30.38 -4.01
N LEU C 192 -12.24 30.74 -3.26
CA LEU C 192 -13.63 30.84 -3.80
C LEU C 192 -13.69 31.86 -4.94
N GLY C 193 -12.93 32.93 -4.83
CA GLY C 193 -13.01 34.04 -5.81
C GLY C 193 -12.32 33.71 -7.12
N THR C 194 -11.30 32.83 -7.10
CA THR C 194 -10.32 32.66 -8.20
C THR C 194 -10.29 31.23 -8.76
N GLN C 195 -10.56 30.20 -7.95
CA GLN C 195 -10.56 28.80 -8.42
C GLN C 195 -11.96 28.42 -8.92
N THR C 196 -12.06 27.82 -10.11
CA THR C 196 -13.31 27.28 -10.69
C THR C 196 -13.60 25.87 -10.14
N TYR C 197 -14.84 25.62 -9.74
CA TYR C 197 -15.33 24.31 -9.23
C TYR C 197 -16.51 23.88 -10.11
N ILE C 198 -16.31 22.80 -10.86
CA ILE C 198 -17.35 22.25 -11.79
C ILE C 198 -17.57 20.80 -11.41
N CYS C 199 -18.81 20.43 -11.12
CA CYS C 199 -19.14 19.00 -10.94
C CYS C 199 -19.57 18.46 -12.29
N ASN C 200 -19.04 17.32 -12.66
CA ASN C 200 -19.29 16.58 -13.92
C ASN C 200 -20.19 15.41 -13.56
N VAL C 201 -21.45 15.50 -13.95
CA VAL C 201 -22.47 14.48 -13.62
C VAL C 201 -22.74 13.70 -14.89
N ASN C 202 -22.73 12.39 -14.78
CA ASN C 202 -23.10 11.49 -15.89
CA ASN C 202 -23.10 11.49 -15.91
C ASN C 202 -24.13 10.47 -15.40
N HIS C 203 -25.30 10.48 -16.02
CA HIS C 203 -26.35 9.44 -15.85
C HIS C 203 -26.46 8.71 -17.18
N LYS C 204 -25.63 7.71 -17.38
CA LYS C 204 -25.55 6.95 -18.65
C LYS C 204 -26.90 6.36 -19.01
N PRO C 205 -27.68 5.77 -18.07
CA PRO C 205 -28.94 5.13 -18.45
C PRO C 205 -29.90 6.08 -19.19
N SER C 206 -29.85 7.40 -18.95
CA SER C 206 -30.76 8.39 -19.59
C SER C 206 -30.00 9.24 -20.62
N ASN C 207 -28.72 8.94 -20.87
CA ASN C 207 -27.87 9.69 -21.82
C ASN C 207 -27.78 11.17 -21.39
N THR C 208 -27.68 11.44 -20.09
CA THR C 208 -27.69 12.79 -19.50
C THR C 208 -26.30 13.10 -18.93
N LYS C 209 -25.61 14.06 -19.53
CA LYS C 209 -24.32 14.55 -19.02
C LYS C 209 -24.48 16.03 -18.72
N VAL C 210 -24.02 16.48 -17.55
CA VAL C 210 -24.14 17.89 -17.08
C VAL C 210 -22.82 18.30 -16.43
N ASP C 211 -22.29 19.45 -16.81
CA ASP C 211 -21.19 20.15 -16.09
C ASP C 211 -21.79 21.37 -15.40
N LYS C 212 -21.74 21.40 -14.08
CA LYS C 212 -22.34 22.47 -13.28
C LYS C 212 -21.23 23.23 -12.58
N LYS C 213 -21.03 24.49 -12.96
CA LYS C 213 -20.13 25.41 -12.22
C LYS C 213 -20.83 25.84 -10.94
N VAL C 214 -20.17 25.69 -9.81
CA VAL C 214 -20.71 26.10 -8.50
C VAL C 214 -19.86 27.28 -8.00
N GLU C 215 -20.48 28.42 -7.75
CA GLU C 215 -19.76 29.59 -7.19
C GLU C 215 -20.62 30.22 -6.11
N PRO C 216 -20.05 31.14 -5.30
CA PRO C 216 -20.83 31.86 -4.30
C PRO C 216 -21.93 32.63 -5.03
N LYS C 217 -23.14 32.69 -4.48
CA LYS C 217 -24.26 33.48 -5.08
C LYS C 217 -23.96 34.98 -4.90
N SER C 218 -24.35 35.82 -5.87
CA SER C 218 -24.21 37.29 -5.79
C SER C 218 -25.42 37.88 -5.06
N CYS C 219 -25.20 38.90 -4.21
CA CYS C 219 -26.26 39.69 -3.53
C CYS C 219 -25.88 40.01 -2.10
N ASP D 1 -27.37 -27.54 0.11
CA ASP D 1 -26.67 -26.23 0.12
C ASP D 1 -25.92 -26.09 1.45
N ILE D 2 -24.65 -25.72 1.38
CA ILE D 2 -23.81 -25.46 2.58
C ILE D 2 -24.09 -24.02 3.01
N GLN D 3 -24.49 -23.85 4.26
CA GLN D 3 -24.73 -22.53 4.89
C GLN D 3 -23.48 -22.14 5.68
N LEU D 4 -22.98 -20.92 5.41
CA LEU D 4 -21.85 -20.30 6.15
C LEU D 4 -22.44 -19.19 7.02
N THR D 5 -22.18 -19.22 8.33
CA THR D 5 -22.64 -18.17 9.26
C THR D 5 -21.41 -17.48 9.84
N GLN D 6 -21.34 -16.16 9.66
CA GLN D 6 -20.22 -15.34 10.17
C GLN D 6 -20.62 -14.82 11.54
N SER D 7 -19.64 -14.66 12.42
CA SER D 7 -19.81 -14.02 13.73
C SER D 7 -18.56 -13.21 14.02
N PRO D 8 -18.65 -11.97 14.52
CA PRO D 8 -19.92 -11.27 14.71
C PRO D 8 -20.43 -10.70 13.38
N ASP D 9 -21.61 -10.08 13.40
CA ASP D 9 -22.16 -9.36 12.22
C ASP D 9 -21.38 -8.08 12.00
N SER D 10 -20.93 -7.42 13.06
CA SER D 10 -20.08 -6.22 12.94
C SER D 10 -19.20 -6.14 14.18
N LEU D 11 -18.09 -5.42 14.04
CA LEU D 11 -17.20 -5.12 15.19
C LEU D 11 -16.46 -3.84 14.87
N ALA D 12 -16.11 -3.14 15.94
CA ALA D 12 -15.34 -1.87 15.92
C ALA D 12 -14.01 -2.12 16.64
N VAL D 13 -12.89 -1.86 15.98
CA VAL D 13 -11.54 -2.20 16.50
C VAL D 13 -10.65 -0.97 16.30
N SER D 14 -9.79 -0.66 17.26
CA SER D 14 -8.82 0.45 17.16
C SER D 14 -7.68 0.08 16.23
N LEU D 15 -7.06 1.09 15.64
CA LEU D 15 -5.88 0.95 14.77
C LEU D 15 -4.77 0.27 15.59
N GLY D 16 -4.09 -0.70 15.01
CA GLY D 16 -2.94 -1.40 15.63
C GLY D 16 -3.39 -2.62 16.40
N GLU D 17 -4.70 -2.78 16.62
CA GLU D 17 -5.28 -3.89 17.42
C GLU D 17 -5.67 -5.03 16.48
N ARG D 18 -6.23 -6.09 17.06
CA ARG D 18 -6.52 -7.37 16.37
C ARG D 18 -8.02 -7.47 16.11
N ALA D 19 -8.38 -7.81 14.87
CA ALA D 19 -9.78 -8.11 14.51
C ALA D 19 -9.88 -9.61 14.27
N THR D 20 -10.91 -10.23 14.85
CA THR D 20 -11.21 -11.67 14.69
C THR D 20 -12.60 -11.80 14.05
N ILE D 21 -12.67 -12.50 12.93
CA ILE D 21 -13.96 -12.76 12.22
C ILE D 21 -14.08 -14.27 12.04
N ASN D 22 -15.17 -14.86 12.52
CA ASN D 22 -15.38 -16.31 12.47
C ASN D 22 -16.39 -16.66 11.38
N CYS D 23 -16.26 -17.88 10.88
CA CYS D 23 -17.12 -18.47 9.82
C CYS D 23 -17.40 -19.91 10.21
N LYS D 24 -18.67 -20.24 10.43
CA LYS D 24 -19.16 -21.60 10.75
C LYS D 24 -19.80 -22.19 9.49
N SER D 25 -19.28 -23.31 9.00
CA SER D 25 -19.87 -24.08 7.87
C SER D 25 -20.86 -25.11 8.43
N SER D 26 -22.02 -25.27 7.80
CA SER D 26 -23.08 -26.22 8.22
C SER D 26 -22.63 -27.65 7.92
N GLN D 27 -21.54 -27.83 7.17
CA GLN D 27 -21.05 -29.15 6.71
C GLN D 27 -19.53 -29.09 6.63
N SER D 28 -18.86 -30.24 6.67
CA SER D 28 -17.41 -30.32 6.39
C SER D 28 -17.15 -29.78 4.98
N ILE D 29 -16.08 -29.03 4.81
CA ILE D 29 -15.61 -28.53 3.48
C ILE D 29 -14.16 -28.97 3.28
N PHE D 30 -13.78 -30.05 3.96
CA PHE D 30 -12.44 -30.68 3.81
C PHE D 30 -12.49 -31.65 2.64
N ARG D 31 -11.76 -31.34 1.57
CA ARG D 31 -11.59 -32.23 0.39
C ARG D 31 -10.40 -33.15 0.64
N THR D 32 -10.66 -34.43 0.97
CA THR D 32 -9.62 -35.45 1.31
C THR D 32 -8.63 -35.54 0.15
N SER D 33 -9.12 -35.71 -1.07
CA SER D 33 -8.29 -35.90 -2.30
C SER D 33 -7.29 -34.75 -2.45
N ARG D 34 -7.56 -33.54 -1.91
CA ARG D 34 -6.63 -32.37 -2.06
C ARG D 34 -5.99 -32.02 -0.74
N ASN D 35 -6.48 -32.61 0.36
CA ASN D 35 -5.97 -32.34 1.73
C ASN D 35 -6.05 -30.84 2.00
N LYS D 36 -7.21 -30.23 1.75
CA LYS D 36 -7.46 -28.76 1.91
C LYS D 36 -8.90 -28.53 2.38
N ASN D 37 -9.08 -27.58 3.31
CA ASN D 37 -10.40 -26.96 3.60
C ASN D 37 -10.61 -25.84 2.57
N LEU D 38 -11.64 -25.97 1.77
CA LEU D 38 -11.86 -25.07 0.61
C LEU D 38 -12.72 -23.90 1.08
N LEU D 39 -12.10 -23.06 1.91
CA LEU D 39 -12.71 -21.81 2.39
C LEU D 39 -11.90 -20.61 1.88
N ASN D 40 -12.61 -19.61 1.36
CA ASN D 40 -12.06 -18.33 0.88
C ASN D 40 -12.52 -17.22 1.82
N TRP D 41 -11.68 -16.20 1.96
CA TRP D 41 -11.97 -14.93 2.64
C TRP D 41 -11.79 -13.79 1.65
N TYR D 42 -12.73 -12.85 1.67
CA TYR D 42 -12.70 -11.63 0.81
C TYR D 42 -12.87 -10.39 1.67
N GLN D 43 -12.26 -9.31 1.21
CA GLN D 43 -12.41 -7.95 1.74
C GLN D 43 -13.17 -7.14 0.69
N GLN D 44 -14.26 -6.49 1.08
CA GLN D 44 -14.96 -5.57 0.15
C GLN D 44 -15.01 -4.18 0.77
N ARG D 45 -14.14 -3.32 0.24
CA ARG D 45 -13.94 -1.90 0.63
C ARG D 45 -15.15 -1.13 0.09
N PRO D 46 -15.50 0.01 0.73
CA PRO D 46 -16.59 0.87 0.28
C PRO D 46 -16.55 1.20 -1.23
N GLY D 47 -17.62 0.88 -1.98
CA GLY D 47 -17.74 1.22 -3.42
C GLY D 47 -16.75 0.49 -4.31
N GLN D 48 -16.37 -0.76 -3.99
CA GLN D 48 -15.32 -1.49 -4.74
C GLN D 48 -15.69 -2.96 -4.95
N PRO D 49 -15.09 -3.63 -5.95
CA PRO D 49 -15.22 -5.08 -6.08
C PRO D 49 -14.56 -5.78 -4.90
N PRO D 50 -15.04 -6.98 -4.51
CA PRO D 50 -14.36 -7.79 -3.52
C PRO D 50 -12.90 -8.10 -3.93
N ARG D 51 -12.03 -8.23 -2.93
CA ARG D 51 -10.63 -8.69 -3.09
C ARG D 51 -10.45 -10.02 -2.37
N LEU D 52 -9.88 -11.02 -3.03
CA LEU D 52 -9.54 -12.33 -2.42
C LEU D 52 -8.38 -12.12 -1.45
N LEU D 53 -8.52 -12.54 -0.20
CA LEU D 53 -7.42 -12.44 0.79
C LEU D 53 -6.77 -13.81 0.90
N ILE D 54 -7.59 -14.83 1.14
CA ILE D 54 -7.13 -16.19 1.54
C ILE D 54 -8.01 -17.21 0.85
N HIS D 55 -7.41 -18.30 0.43
CA HIS D 55 -8.11 -19.51 -0.10
C HIS D 55 -7.52 -20.73 0.59
N TRP D 56 -8.16 -21.89 0.44
CA TRP D 56 -7.76 -23.16 1.12
C TRP D 56 -7.68 -22.93 2.63
N ALA D 57 -8.54 -22.05 3.16
CA ALA D 57 -8.71 -21.72 4.59
C ALA D 57 -7.53 -20.89 5.12
N SER D 58 -6.29 -21.12 4.68
CA SER D 58 -5.12 -20.46 5.32
C SER D 58 -4.03 -20.05 4.35
N THR D 59 -4.22 -20.19 3.04
CA THR D 59 -3.20 -19.72 2.05
C THR D 59 -3.53 -18.30 1.60
N ARG D 60 -2.62 -17.37 1.86
CA ARG D 60 -2.72 -15.95 1.43
C ARG D 60 -2.54 -15.89 -0.09
N LYS D 61 -3.37 -15.10 -0.76
CA LYS D 61 -3.12 -14.72 -2.18
C LYS D 61 -1.82 -13.90 -2.22
N SER D 62 -1.06 -14.03 -3.30
CA SER D 62 0.16 -13.22 -3.55
C SER D 62 -0.15 -11.74 -3.33
N GLY D 63 0.64 -11.04 -2.51
CA GLY D 63 0.54 -9.58 -2.33
C GLY D 63 -0.36 -9.20 -1.17
N VAL D 64 -1.09 -10.15 -0.57
CA VAL D 64 -1.91 -9.89 0.64
C VAL D 64 -0.98 -9.83 1.86
N PRO D 65 -1.03 -8.72 2.66
CA PRO D 65 -0.14 -8.58 3.82
C PRO D 65 -0.29 -9.74 4.81
N ASP D 66 0.81 -10.15 5.46
CA ASP D 66 0.76 -11.26 6.44
C ASP D 66 0.05 -10.80 7.72
N ARG D 67 -0.43 -9.55 7.82
CA ARG D 67 -1.38 -9.12 8.90
C ARG D 67 -2.69 -9.91 8.78
N PHE D 68 -3.03 -10.39 7.58
CA PHE D 68 -4.25 -11.22 7.34
C PHE D 68 -3.88 -12.70 7.45
N SER D 69 -4.51 -13.45 8.34
CA SER D 69 -4.26 -14.91 8.40
C SER D 69 -5.58 -15.65 8.59
N GLY D 70 -5.72 -16.78 7.90
CA GLY D 70 -6.86 -17.67 8.04
C GLY D 70 -6.44 -18.91 8.79
N SER D 71 -7.33 -19.42 9.64
CA SER D 71 -7.12 -20.64 10.45
C SER D 71 -8.45 -21.36 10.51
N GLY D 72 -8.45 -22.56 11.06
CA GLY D 72 -9.67 -23.37 11.07
C GLY D 72 -9.44 -24.70 11.73
N PHE D 73 -10.53 -25.29 12.18
CA PHE D 73 -10.59 -26.70 12.61
C PHE D 73 -12.04 -27.15 12.46
N GLY D 74 -12.22 -28.27 11.76
CA GLY D 74 -13.54 -28.87 11.50
C GLY D 74 -14.35 -28.00 10.55
N THR D 75 -15.39 -27.38 11.08
CA THR D 75 -16.36 -26.52 10.33
C THR D 75 -16.29 -25.07 10.85
N ASP D 76 -15.25 -24.75 11.61
CA ASP D 76 -15.03 -23.43 12.25
C ASP D 76 -13.76 -22.81 11.66
N PHE D 77 -13.90 -21.62 11.07
CA PHE D 77 -12.81 -20.91 10.37
C PHE D 77 -12.73 -19.49 10.93
N THR D 78 -11.55 -18.92 10.86
CA THR D 78 -11.29 -17.59 11.45
C THR D 78 -10.39 -16.81 10.49
N LEU D 79 -10.77 -15.57 10.24
CA LEU D 79 -9.87 -14.54 9.66
C LEU D 79 -9.39 -13.66 10.81
N THR D 80 -8.09 -13.57 10.99
CA THR D 80 -7.46 -12.66 11.97
C THR D 80 -6.75 -11.57 11.18
N ILE D 81 -7.02 -10.33 11.52
CA ILE D 81 -6.25 -9.15 11.06
C ILE D 81 -5.52 -8.57 12.27
N THR D 82 -4.19 -8.65 12.27
CA THR D 82 -3.34 -8.04 13.32
C THR D 82 -2.93 -6.66 12.83
N SER D 83 -2.57 -5.77 13.75
CA SER D 83 -2.05 -4.42 13.43
C SER D 83 -3.02 -3.73 12.46
N LEU D 84 -4.28 -3.62 12.87
CA LEU D 84 -5.34 -3.06 11.99
C LEU D 84 -4.92 -1.68 11.48
N GLN D 85 -5.08 -1.46 10.18
CA GLN D 85 -4.75 -0.17 9.51
C GLN D 85 -6.07 0.48 9.09
N ALA D 86 -6.05 1.80 8.92
CA ALA D 86 -7.25 2.59 8.57
C ALA D 86 -7.82 2.05 7.25
N GLU D 87 -6.97 1.62 6.31
CA GLU D 87 -7.44 1.17 4.98
C GLU D 87 -8.06 -0.23 5.07
N ASP D 88 -8.10 -0.87 6.24
CA ASP D 88 -8.72 -2.22 6.40
C ASP D 88 -10.25 -2.13 6.60
N VAL D 89 -10.79 -0.92 6.70
CA VAL D 89 -12.25 -0.70 6.88
C VAL D 89 -12.95 -1.31 5.68
N ALA D 90 -13.86 -2.26 5.91
CA ALA D 90 -14.44 -3.09 4.86
C ALA D 90 -15.47 -4.03 5.46
N ILE D 91 -16.22 -4.68 4.59
CA ILE D 91 -17.02 -5.88 4.95
C ILE D 91 -16.23 -7.09 4.45
N TYR D 92 -16.11 -8.09 5.31
CA TYR D 92 -15.31 -9.32 5.10
C TYR D 92 -16.30 -10.48 4.93
N TYR D 93 -16.09 -11.29 3.90
CA TYR D 93 -16.95 -12.43 3.54
C TYR D 93 -16.10 -13.71 3.50
N CYS D 94 -16.64 -14.77 4.10
CA CYS D 94 -16.18 -16.14 3.82
C CYS D 94 -17.04 -16.70 2.69
N GLN D 95 -16.49 -17.72 2.04
CA GLN D 95 -17.13 -18.46 0.93
C GLN D 95 -16.56 -19.87 0.93
N GLN D 96 -17.40 -20.88 0.72
CA GLN D 96 -16.96 -22.27 0.55
C GLN D 96 -16.85 -22.56 -0.94
N TYR D 97 -15.76 -23.22 -1.35
CA TYR D 97 -15.43 -23.59 -2.75
C TYR D 97 -15.41 -25.11 -2.88
N PHE D 98 -16.22 -25.78 -2.07
CA PHE D 98 -16.22 -27.25 -1.86
C PHE D 98 -17.26 -27.90 -2.78
N SER D 99 -18.47 -27.37 -2.82
CA SER D 99 -19.59 -27.96 -3.59
C SER D 99 -20.60 -26.89 -3.98
N PRO D 100 -20.97 -26.82 -5.27
CA PRO D 100 -21.94 -25.82 -5.74
C PRO D 100 -23.29 -25.99 -5.06
N PRO D 101 -24.07 -24.92 -4.78
CA PRO D 101 -23.64 -23.54 -5.00
C PRO D 101 -22.54 -23.10 -4.02
N TYR D 102 -21.57 -22.33 -4.53
CA TYR D 102 -20.35 -21.91 -3.80
C TYR D 102 -20.69 -20.71 -2.91
N THR D 103 -21.39 -20.99 -1.82
CA THR D 103 -22.13 -20.01 -0.98
C THR D 103 -21.16 -19.15 -0.16
N PHE D 104 -21.57 -17.92 0.08
CA PHE D 104 -20.91 -16.89 0.91
C PHE D 104 -21.57 -16.83 2.29
N GLY D 105 -20.81 -16.46 3.30
CA GLY D 105 -21.33 -15.93 4.55
C GLY D 105 -22.05 -14.62 4.33
N GLN D 106 -22.74 -14.13 5.36
CA GLN D 106 -23.62 -12.95 5.27
C GLN D 106 -22.76 -11.69 5.34
N GLY D 107 -21.48 -11.81 5.66
CA GLY D 107 -20.58 -10.65 5.79
C GLY D 107 -20.43 -10.18 7.22
N THR D 108 -19.26 -9.64 7.55
CA THR D 108 -18.96 -8.97 8.83
C THR D 108 -18.40 -7.59 8.53
N LYS D 109 -19.02 -6.58 9.09
CA LYS D 109 -18.63 -5.18 8.88
C LYS D 109 -17.57 -4.82 9.92
N LEU D 110 -16.36 -4.47 9.47
CA LEU D 110 -15.27 -3.99 10.35
C LEU D 110 -15.25 -2.48 10.33
N GLU D 111 -15.57 -1.87 11.47
CA GLU D 111 -15.51 -0.42 11.74
C GLU D 111 -14.16 -0.11 12.42
N ILE D 112 -13.55 1.03 12.12
CA ILE D 112 -12.37 1.52 12.86
C ILE D 112 -12.85 2.40 14.03
N LYS D 113 -12.46 2.05 15.24
CA LYS D 113 -12.68 2.90 16.44
C LYS D 113 -11.55 3.91 16.51
N ARG D 114 -11.89 5.18 16.70
CA ARG D 114 -10.92 6.30 16.78
C ARG D 114 -11.42 7.32 17.80
N THR D 115 -10.69 8.41 17.99
CA THR D 115 -11.08 9.49 18.92
C THR D 115 -12.31 10.20 18.33
N VAL D 116 -13.11 10.78 19.21
CA VAL D 116 -14.28 11.64 18.87
C VAL D 116 -13.74 12.76 17.96
N ALA D 117 -14.49 13.07 16.91
CA ALA D 117 -14.22 14.17 15.97
C ALA D 117 -15.53 14.90 15.71
N ALA D 118 -15.61 16.17 16.08
CA ALA D 118 -16.84 16.97 15.91
C ALA D 118 -17.08 17.17 14.42
N PRO D 119 -18.34 17.17 13.95
CA PRO D 119 -18.63 17.54 12.57
C PRO D 119 -18.44 19.04 12.33
N SER D 120 -17.97 19.40 11.14
CA SER D 120 -18.16 20.73 10.53
C SER D 120 -19.53 20.76 9.89
N VAL D 121 -20.31 21.81 10.14
CA VAL D 121 -21.72 21.88 9.68
C VAL D 121 -21.87 23.01 8.67
N PHE D 122 -22.59 22.72 7.59
CA PHE D 122 -22.85 23.68 6.49
C PHE D 122 -24.32 23.54 6.08
N ILE D 123 -24.97 24.65 5.78
CA ILE D 123 -26.37 24.64 5.24
C ILE D 123 -26.35 25.29 3.85
N PHE D 124 -27.19 24.77 2.96
CA PHE D 124 -27.29 25.23 1.56
C PHE D 124 -28.75 25.48 1.24
N PRO D 125 -29.09 26.72 0.85
CA PRO D 125 -30.44 27.04 0.42
C PRO D 125 -30.70 26.38 -0.92
N PRO D 126 -31.98 26.21 -1.30
CA PRO D 126 -32.33 25.76 -2.64
C PRO D 126 -31.83 26.79 -3.68
N SER D 127 -31.46 26.33 -4.86
CA SER D 127 -31.08 27.21 -6.00
C SER D 127 -32.35 27.87 -6.56
N ASP D 128 -32.21 29.07 -7.13
CA ASP D 128 -33.31 29.71 -7.93
C ASP D 128 -33.73 28.77 -9.06
N GLU D 129 -32.79 28.11 -9.75
CA GLU D 129 -33.11 27.17 -10.86
C GLU D 129 -34.08 26.08 -10.34
N GLN D 130 -33.81 25.51 -9.17
CA GLN D 130 -34.73 24.49 -8.63
C GLN D 130 -36.11 25.10 -8.33
N LEU D 131 -36.16 26.28 -7.71
CA LEU D 131 -37.45 26.88 -7.28
C LEU D 131 -38.37 27.06 -8.48
N LYS D 132 -37.81 27.37 -9.66
CA LYS D 132 -38.57 27.48 -10.94
C LYS D 132 -39.35 26.18 -11.22
N SER D 133 -38.83 25.02 -10.82
CA SER D 133 -39.41 23.67 -11.09
C SER D 133 -40.53 23.32 -10.09
N GLY D 134 -40.72 24.09 -9.01
CA GLY D 134 -41.83 23.89 -8.04
C GLY D 134 -41.46 23.16 -6.77
N THR D 135 -40.17 22.85 -6.56
CA THR D 135 -39.67 22.15 -5.34
C THR D 135 -38.49 22.92 -4.76
N ALA D 136 -38.31 22.83 -3.45
CA ALA D 136 -37.17 23.41 -2.71
C ALA D 136 -36.49 22.29 -1.93
N SER D 137 -35.21 22.10 -2.20
CA SER D 137 -34.33 21.16 -1.47
C SER D 137 -33.37 22.00 -0.62
N VAL D 138 -33.39 21.79 0.69
CA VAL D 138 -32.47 22.47 1.64
C VAL D 138 -31.55 21.36 2.14
N VAL D 139 -30.25 21.61 2.12
CA VAL D 139 -29.24 20.56 2.42
C VAL D 139 -28.38 21.01 3.58
N CYS D 140 -28.21 20.10 4.53
CA CYS D 140 -27.34 20.27 5.69
C CYS D 140 -26.23 19.23 5.59
N LEU D 141 -24.99 19.66 5.68
CA LEU D 141 -23.79 18.80 5.58
C LEU D 141 -23.11 18.77 6.96
N LEU D 142 -22.90 17.57 7.48
CA LEU D 142 -22.04 17.27 8.65
C LEU D 142 -20.79 16.61 8.11
N ASN D 143 -19.64 17.28 8.19
CA ASN D 143 -18.42 16.80 7.51
C ASN D 143 -17.43 16.23 8.53
N ASN D 144 -16.95 15.00 8.29
CA ASN D 144 -15.75 14.39 8.91
C ASN D 144 -15.90 14.30 10.43
N PHE D 145 -16.84 13.47 10.88
CA PHE D 145 -17.12 13.31 12.33
C PHE D 145 -17.01 11.83 12.70
N TYR D 146 -16.92 11.61 14.01
CA TYR D 146 -16.81 10.28 14.65
C TYR D 146 -17.20 10.47 16.10
N PRO D 147 -18.05 9.61 16.69
CA PRO D 147 -18.62 8.46 15.98
C PRO D 147 -19.81 8.81 15.07
N ARG D 148 -20.42 7.77 14.50
CA ARG D 148 -21.50 7.86 13.47
C ARG D 148 -22.75 8.54 14.06
N GLU D 149 -23.07 8.28 15.32
CA GLU D 149 -24.30 8.78 15.99
C GLU D 149 -24.34 10.31 15.97
N ALA D 150 -25.40 10.87 15.39
CA ALA D 150 -25.59 12.32 15.19
C ALA D 150 -27.09 12.58 15.04
N LYS D 151 -27.56 13.65 15.65
CA LYS D 151 -28.96 14.10 15.55
C LYS D 151 -28.97 15.38 14.71
N VAL D 152 -29.77 15.38 13.64
CA VAL D 152 -29.90 16.57 12.76
C VAL D 152 -31.37 16.95 12.77
N GLN D 153 -31.70 18.13 13.28
CA GLN D 153 -33.09 18.61 13.34
C GLN D 153 -33.24 19.81 12.42
N TRP D 154 -34.27 19.76 11.58
CA TRP D 154 -34.67 20.87 10.71
C TRP D 154 -35.71 21.71 11.44
N LYS D 155 -35.53 23.03 11.42
CA LYS D 155 -36.56 23.99 11.86
C LYS D 155 -36.85 24.98 10.72
N VAL D 156 -38.14 25.18 10.44
CA VAL D 156 -38.64 26.22 9.50
C VAL D 156 -39.55 27.13 10.31
N ASP D 157 -39.19 28.41 10.46
CA ASP D 157 -39.87 29.36 11.38
C ASP D 157 -40.23 28.66 12.69
N ASN D 158 -39.25 27.96 13.28
CA ASN D 158 -39.36 27.40 14.66
C ASN D 158 -40.11 26.08 14.71
N ALA D 159 -40.72 25.63 13.62
CA ALA D 159 -41.41 24.33 13.54
C ALA D 159 -40.39 23.23 13.22
N LEU D 160 -40.22 22.26 14.13
CA LEU D 160 -39.43 21.03 13.89
C LEU D 160 -40.08 20.29 12.73
N GLN D 161 -39.31 20.01 11.68
CA GLN D 161 -39.77 19.30 10.46
C GLN D 161 -39.51 17.83 10.68
N SER D 162 -40.54 17.01 10.52
CA SER D 162 -40.46 15.54 10.68
C SER D 162 -41.18 14.87 9.50
N GLY D 163 -40.54 13.88 8.88
CA GLY D 163 -41.14 13.08 7.79
C GLY D 163 -40.92 13.67 6.41
N ASN D 164 -40.33 14.87 6.31
CA ASN D 164 -39.99 15.52 5.00
C ASN D 164 -38.46 15.72 4.82
N SER D 165 -37.61 14.87 5.43
CA SER D 165 -36.15 14.89 5.16
C SER D 165 -35.62 13.47 5.01
N GLN D 166 -34.52 13.29 4.29
CA GLN D 166 -33.79 12.01 4.22
C GLN D 166 -32.31 12.28 4.48
N GLU D 167 -31.66 11.32 5.12
CA GLU D 167 -30.21 11.36 5.44
C GLU D 167 -29.51 10.36 4.55
N SER D 168 -28.26 10.65 4.23
CA SER D 168 -27.33 9.72 3.58
C SER D 168 -25.99 9.89 4.28
N VAL D 169 -25.29 8.79 4.50
CA VAL D 169 -24.03 8.79 5.28
C VAL D 169 -22.97 8.09 4.42
N THR D 170 -21.76 8.64 4.38
CA THR D 170 -20.64 8.03 3.65
C THR D 170 -20.17 6.83 4.48
N GLU D 171 -19.41 5.95 3.84
CA GLU D 171 -18.68 4.90 4.58
C GLU D 171 -17.53 5.58 5.31
N GLN D 172 -17.00 4.91 6.32
CA GLN D 172 -15.83 5.41 7.06
C GLN D 172 -14.70 5.73 6.09
N ASP D 173 -14.11 6.92 6.19
CA ASP D 173 -13.01 7.38 5.31
C ASP D 173 -11.78 6.48 5.54
N SER D 174 -11.08 6.13 4.46
CA SER D 174 -9.95 5.17 4.49
C SER D 174 -8.75 5.80 5.23
N LYS D 175 -8.66 7.14 5.30
CA LYS D 175 -7.49 7.82 5.89
C LYS D 175 -7.77 8.20 7.35
N ASP D 176 -8.88 8.90 7.63
CA ASP D 176 -9.11 9.54 8.95
C ASP D 176 -10.24 8.82 9.72
N SER D 177 -10.87 7.79 9.14
CA SER D 177 -11.85 6.90 9.82
C SER D 177 -13.08 7.70 10.27
N THR D 178 -13.38 8.82 9.61
CA THR D 178 -14.58 9.65 9.91
C THR D 178 -15.71 9.35 8.94
N TYR D 179 -16.90 9.79 9.31
CA TYR D 179 -18.15 9.80 8.51
C TYR D 179 -18.43 11.23 8.07
N SER D 180 -19.14 11.36 6.96
CA SER D 180 -19.87 12.57 6.59
C SER D 180 -21.33 12.20 6.33
N LEU D 181 -22.23 13.15 6.52
CA LEU D 181 -23.70 12.96 6.46
C LEU D 181 -24.33 14.16 5.76
N SER D 182 -25.29 13.89 4.89
CA SER D 182 -26.17 14.91 4.23
C SER D 182 -27.57 14.69 4.80
N SER D 183 -28.25 15.75 5.19
CA SER D 183 -29.70 15.75 5.44
C SER D 183 -30.33 16.70 4.42
N THR D 184 -31.32 16.20 3.67
CA THR D 184 -32.02 16.98 2.64
C THR D 184 -33.48 17.12 3.08
N LEU D 185 -33.91 18.36 3.29
CA LEU D 185 -35.32 18.73 3.55
C LEU D 185 -35.94 19.09 2.20
N THR D 186 -37.08 18.47 1.87
CA THR D 186 -37.82 18.73 0.62
C THR D 186 -39.15 19.42 0.94
N LEU D 187 -39.38 20.59 0.37
CA LEU D 187 -40.65 21.37 0.50
C LEU D 187 -41.11 21.72 -0.91
N SER D 188 -42.41 21.93 -1.10
CA SER D 188 -42.95 22.62 -2.29
C SER D 188 -42.38 24.03 -2.34
N LYS D 189 -42.29 24.62 -3.54
CA LYS D 189 -41.92 26.04 -3.70
C LYS D 189 -42.84 26.93 -2.84
N ALA D 190 -44.15 26.67 -2.86
CA ALA D 190 -45.17 27.46 -2.15
C ALA D 190 -44.86 27.47 -0.64
N ASP D 191 -44.60 26.30 -0.04
CA ASP D 191 -44.24 26.17 1.40
C ASP D 191 -42.95 26.92 1.67
N TYR D 192 -41.94 26.75 0.81
CA TYR D 192 -40.61 27.41 0.96
C TYR D 192 -40.84 28.93 1.06
N GLU D 193 -41.71 29.47 0.20
CA GLU D 193 -41.84 30.93 0.02
C GLU D 193 -42.69 31.55 1.13
N LYS D 194 -43.43 30.75 1.91
CA LYS D 194 -44.25 31.22 3.05
C LYS D 194 -43.40 31.37 4.32
N HIS D 195 -42.16 30.91 4.36
CA HIS D 195 -41.36 30.87 5.61
C HIS D 195 -40.05 31.63 5.41
N LYS D 196 -39.46 32.14 6.50
CA LYS D 196 -38.25 32.99 6.44
C LYS D 196 -37.01 32.21 6.91
N VAL D 197 -37.04 31.62 8.11
CA VAL D 197 -35.82 31.09 8.78
C VAL D 197 -35.74 29.58 8.58
N TYR D 198 -34.67 29.14 7.92
CA TYR D 198 -34.34 27.72 7.69
C TYR D 198 -33.10 27.40 8.50
N ALA D 199 -33.21 26.39 9.36
CA ALA D 199 -32.13 26.07 10.33
C ALA D 199 -31.97 24.55 10.43
N CYS D 200 -30.70 24.18 10.51
CA CYS D 200 -30.20 22.81 10.69
C CYS D 200 -29.51 22.80 12.05
N GLU D 201 -30.01 22.04 13.02
CA GLU D 201 -29.35 21.93 14.35
C GLU D 201 -28.72 20.55 14.51
N VAL D 202 -27.44 20.51 14.86
CA VAL D 202 -26.66 19.26 14.94
C VAL D 202 -26.24 19.03 16.39
N THR D 203 -26.64 17.87 16.92
CA THR D 203 -26.17 17.31 18.20
C THR D 203 -25.23 16.15 17.94
N HIS D 204 -24.05 16.19 18.55
CA HIS D 204 -23.01 15.17 18.41
C HIS D 204 -22.08 15.22 19.63
N GLN D 205 -21.55 14.07 20.00
CA GLN D 205 -20.69 13.85 21.19
C GLN D 205 -19.54 14.87 21.16
N GLY D 206 -19.02 15.22 19.98
CA GLY D 206 -17.83 16.07 19.84
C GLY D 206 -18.13 17.53 20.02
N LEU D 207 -19.42 17.92 19.98
CA LEU D 207 -19.82 19.34 20.15
C LEU D 207 -20.17 19.55 21.63
N SER D 208 -19.60 20.57 22.25
CA SER D 208 -19.88 20.94 23.66
C SER D 208 -21.36 21.29 23.82
N SER D 209 -21.99 21.85 22.79
CA SER D 209 -23.47 21.99 22.71
C SER D 209 -23.90 22.08 21.26
N PRO D 210 -25.19 21.88 20.95
CA PRO D 210 -25.62 21.73 19.56
C PRO D 210 -25.24 22.94 18.70
N VAL D 211 -24.86 22.68 17.44
CA VAL D 211 -24.49 23.72 16.46
C VAL D 211 -25.67 23.96 15.51
N THR D 212 -26.08 25.21 15.33
CA THR D 212 -27.14 25.60 14.39
C THR D 212 -26.52 26.38 13.23
N LYS D 213 -26.80 25.93 12.01
CA LYS D 213 -26.55 26.72 10.78
C LYS D 213 -27.92 27.07 10.22
N SER D 214 -28.10 28.33 9.84
CA SER D 214 -29.38 28.85 9.35
C SER D 214 -29.14 29.92 8.30
N PHE D 215 -30.19 30.24 7.57
CA PHE D 215 -30.23 31.36 6.61
C PHE D 215 -31.66 31.88 6.63
N ASN D 216 -31.82 33.12 6.20
CA ASN D 216 -33.14 33.77 5.99
C ASN D 216 -33.42 33.76 4.50
N ARG D 217 -34.55 33.21 4.08
CA ARG D 217 -34.92 33.12 2.65
C ARG D 217 -34.82 34.54 2.06
N GLY D 218 -34.06 34.71 0.98
CA GLY D 218 -33.95 35.99 0.24
C GLY D 218 -32.85 36.89 0.79
N GLU D 219 -31.93 36.37 1.61
CA GLU D 219 -30.75 37.12 2.15
C GLU D 219 -29.52 36.23 2.09
#